data_8VOB
#
_entry.id   8VOB
#
_cell.length_a   1.00
_cell.length_b   1.00
_cell.length_c   1.00
_cell.angle_alpha   90.00
_cell.angle_beta   90.00
_cell.angle_gamma   90.00
#
_symmetry.space_group_name_H-M   'P 1'
#
loop_
_entity.id
_entity.type
_entity.pdbx_description
1 polymer 'DNA (157-MER)'
2 polymer 'Histone H3.2'
3 polymer 'Histone H4'
4 polymer 'Histone H2A type 1'
5 polymer 'Histone H2B 1.1'
6 polymer 'DNA (157-MER)'
#
loop_
_entity_poly.entity_id
_entity_poly.type
_entity_poly.pdbx_seq_one_letter_code
_entity_poly.pdbx_strand_id
1 'polydeoxyribonucleotide'
;(DC)(DA)(DG)(DG)(DA)(DT)(DG)(DT)(DA)(DT)(DA)(DT)(DA)(DT)(DC)(DT)(DG)(DA)(DG)(DA)
(DC)(DG)(DT)(DG)(DC)(DC)(DT)(DG)(DG)(DA)(DG)(DA)(DC)(DT)(DA)(DG)(DG)(DG)(DA)(DG)
(DT)(DA)(DA)(DT)(DC)(DC)(DC)(DC)(DT)(DT)(DG)(DG)(DC)(DG)(DG)(DT)(DT)(DT)(DA)(DA)
(DA)(DC)(DG)(DC)(DG)(DG)(DG)(DG)(DG)(DA)(DC)(DA)(DG)(DC)(DG)(DC)(DG)(DT)(DA)(DC)
(DG)(DT)(DG)(DC)(DG)(DT)(DT)(DT)(DT)(DA)(DG)(DC)(DG)(DG)(DT)(DG)(DC)(DT)(DA)(DG)
(DA)(DG)(DC)(DT)(DG)(DT)(DC)(DT)(DA)(DC)(DG)(DA)(DC)(DC)(DA)(DA)(DT)(DT)(DG)(DA)
(DG)(DC)(DG)(DG)(DC)(DC)(DT)(DG)(DG)(DG)(DC)(DA)(DC)(DC)(DG)(DG)(DG)(DA)(DT)(DT)
(DC)(DT)(DC)(DC)(DA)(DG)(DC)(DC)(DG)(DC)(DC)(DG)(DG)(DC)(DA)(DG)(DC)
;
H
2 'polypeptide(L)'
;MARTKQTARKSTGGKAPRKQLATKAARKSAPATGGV(M3L)KPHRYRPGTVALREIRRYQKSTELLIRKLPFQRLVREIA
QDFKTDLRFQSSAVMALQEASEAYLVGLFEDTNLCAIHAKRVTIMPKDIQLARRIRGERA
;
I,O
3 'polypeptide(L)'
;MSGRGKGGKGLGKGGAKRHRKVLRDNIQGITKPAIRRLARRGGVKRISGLIYEETRGVLKVFLENVIRDAVTYTEHAKRK
TVTAMDVVYALKRQGRTLYGFGG
;
J,Q
4 'polypeptide(L)'
;AKAKTRSSRAGLQFPVGRVHRLLRKGNYAERVGAGAPVYLAAVLEYLTAEILELAGNAARDNKKTRIIPRHLQLAVRNDE
ELNKLLGRVTIAQGGVLPNIQSVLLPKC
;
K,R
5 'polypeptide(L)'
;RKTRKESYAIYVYKVLKQVHPDTGISSKAMSIMNSFVNDVFERIAGEASRLAHYNKRSTITSREIQTAVRLLLPGELAKH
AVSEGTKAVTKYTSAK
;
M,S
6 'polydeoxyribonucleotide'
;(DG)(DC)(DT)(DG)(DC)(DC)(DG)(DG)(DC)(DG)(DG)(DC)(DT)(DG)(DG)(DA)(DG)(DA)(DA)(DT)
(DC)(DC)(DC)(DG)(DG)(DT)(DG)(DC)(DC)(DG)(DA)(DG)(DG)(DC)(DC)(DG)(DC)(DT)(DC)(DA)
(DA)(DT)(DT)(DG)(DG)(DT)(DC)(DG)(DT)(DA)(DG)(DA)(DC)(DA)(DG)(DC)(DT)(DC)(DT)(DA)
(DG)(DC)(DA)(DC)(DC)(DG)(DC)(DT)(DT)(DA)(DA)(DA)(DC)(DG)(DC)(DA)(DC)(DG)(DT)(DA)
(DC)(DG)(DC)(DG)(DC)(DT)(DG)(DT)(DC)(DC)(DC)(DC)(DC)(DG)(DC)(DG)(DT)(DT)(DT)(DA)
(DA)(DA)(DC)(DC)(DG)(DC)(DC)(DA)(DA)(DG)(DG)(DG)(DG)(DA)(DT)(DT)(DA)(DC)(DT)(DC)
(DC)(DC)(DT)(DA)(DG)(DT)(DC)(DT)(DC)(DC)(DA)(DG)(DG)(DC)(DA)(DC)(DG)(DT)(DC)(DT)
(DC)(DA)(DG)(DA)(DT)(DA)(DT)(DA)(DT)(DA)(DC)(DA)(DT)(DC)(DC)(DT)(DG)
;
D
#
loop_
_chem_comp.id
_chem_comp.type
_chem_comp.name
_chem_comp.formula
DA DNA linking 2'-DEOXYADENOSINE-5'-MONOPHOSPHATE 'C10 H14 N5 O6 P'
DC DNA linking 2'-DEOXYCYTIDINE-5'-MONOPHOSPHATE 'C9 H14 N3 O7 P'
DG DNA linking 2'-DEOXYGUANOSINE-5'-MONOPHOSPHATE 'C10 H14 N5 O7 P'
DT DNA linking THYMIDINE-5'-MONOPHOSPHATE 'C10 H15 N2 O8 P'
#
# COMPACT_ATOMS: atom_id res chain seq x y z
N VAL B 36 37.32 47.46 18.50
CA VAL B 36 37.68 46.08 18.79
C VAL B 36 36.99 45.16 17.77
N M3L B 37 37.54 43.96 17.59
CA M3L B 37 37.01 43.02 16.63
CB M3L B 37 37.88 41.75 16.59
CG M3L B 37 37.24 40.65 15.75
CD M3L B 37 38.12 39.42 15.71
CE M3L B 37 39.05 39.51 14.51
NZ M3L B 37 38.62 38.85 13.20
C M3L B 37 35.57 42.58 16.89
O M3L B 37 35.16 42.16 17.96
CM1 M3L B 37 39.79 38.27 12.48
CM2 M3L B 37 37.91 39.81 12.31
CM3 M3L B 37 37.68 37.73 13.53
N LYS B 38 34.78 42.71 15.83
CA LYS B 38 33.40 42.22 15.79
C LYS B 38 33.39 40.73 16.15
N PRO B 39 32.59 40.35 17.14
CA PRO B 39 32.58 38.95 17.57
C PRO B 39 32.27 38.00 16.43
N HIS B 40 32.94 36.85 16.46
CA HIS B 40 32.86 35.87 15.38
C HIS B 40 31.43 35.39 15.20
N ARG B 41 30.98 35.32 13.95
CA ARG B 41 29.63 34.89 13.62
C ARG B 41 29.65 34.13 12.31
N TYR B 42 28.93 33.01 12.25
CA TYR B 42 28.71 32.36 10.98
C TYR B 42 27.66 33.11 10.17
N ARG B 43 27.78 33.02 8.85
CA ARG B 43 26.80 33.64 7.98
C ARG B 43 25.47 32.93 8.10
N PRO B 44 24.35 33.62 7.87
CA PRO B 44 23.04 32.98 8.07
C PRO B 44 22.78 31.89 7.05
N GLY B 45 22.80 30.64 7.50
CA GLY B 45 22.51 29.51 6.64
C GLY B 45 23.70 28.58 6.43
N THR B 46 24.64 28.57 7.35
CA THR B 46 25.80 27.69 7.24
C THR B 46 25.85 26.70 8.39
N VAL B 47 25.67 27.18 9.62
CA VAL B 47 25.56 26.27 10.76
C VAL B 47 24.33 25.38 10.60
N ALA B 48 23.30 25.88 9.90
CA ALA B 48 22.16 25.04 9.58
C ALA B 48 22.59 23.84 8.75
N LEU B 49 23.41 24.06 7.71
CA LEU B 49 23.92 22.96 6.92
C LEU B 49 24.86 22.07 7.72
N ARG B 50 25.65 22.66 8.62
CA ARG B 50 26.54 21.86 9.45
C ARG B 50 25.75 20.87 10.31
N GLU B 51 24.68 21.37 10.95
CA GLU B 51 23.88 20.47 11.78
C GLU B 51 23.01 19.55 10.92
N ILE B 52 22.71 19.94 9.68
CA ILE B 52 22.09 19.00 8.74
C ILE B 52 23.01 17.82 8.53
N ARG B 53 24.28 18.10 8.27
CA ARG B 53 25.26 17.04 8.13
C ARG B 53 25.37 16.20 9.40
N ARG B 54 25.36 16.86 10.56
CA ARG B 54 25.51 16.15 11.82
C ARG B 54 24.35 15.20 12.07
N TYR B 55 23.11 15.65 11.86
CA TYR B 55 21.95 14.82 12.14
C TYR B 55 21.75 13.73 11.11
N GLN B 56 22.13 13.97 9.85
CA GLN B 56 21.96 12.97 8.82
C GLN B 56 22.78 11.71 9.05
N LYS B 57 23.95 11.83 9.68
CA LYS B 57 24.80 10.68 9.96
C LYS B 57 24.53 10.09 11.34
N SER B 58 23.60 10.66 12.11
CA SER B 58 23.31 10.20 13.46
C SER B 58 21.96 9.51 13.50
N THR B 59 21.93 8.37 14.20
CA THR B 59 20.73 7.54 14.30
C THR B 59 20.04 7.71 15.66
N GLU B 60 20.40 8.77 16.38
CA GLU B 60 19.86 8.97 17.72
C GLU B 60 18.44 9.51 17.65
N LEU B 61 17.72 9.35 18.75
CA LEU B 61 16.31 9.72 18.83
C LEU B 61 16.18 11.22 18.95
N LEU B 62 15.68 11.87 17.89
CA LEU B 62 15.64 13.33 17.86
C LEU B 62 14.57 13.91 18.78
N ILE B 63 13.68 13.09 19.31
CA ILE B 63 12.59 13.56 20.17
C ILE B 63 12.83 13.01 21.57
N ARG B 64 12.67 13.85 22.58
CA ARG B 64 12.91 13.43 23.96
C ARG B 64 11.93 12.35 24.39
N LYS B 65 12.42 11.47 25.26
CA LYS B 65 11.62 10.34 25.75
C LYS B 65 10.37 10.80 26.48
N LEU B 66 10.53 11.69 27.47
CA LEU B 66 9.44 12.00 28.38
C LEU B 66 8.36 12.87 27.74
N PRO B 67 8.66 13.96 27.03
CA PRO B 67 7.57 14.69 26.37
C PRO B 67 6.78 13.84 25.40
N PHE B 68 7.44 12.96 24.63
CA PHE B 68 6.71 12.12 23.70
C PHE B 68 5.86 11.09 24.42
N GLN B 69 6.38 10.49 25.49
CA GLN B 69 5.59 9.54 26.25
C GLN B 69 4.37 10.22 26.86
N ARG B 70 4.56 11.43 27.40
CA ARG B 70 3.43 12.18 27.93
C ARG B 70 2.41 12.49 26.84
N LEU B 71 2.88 12.88 25.65
CA LEU B 71 1.97 13.19 24.56
C LEU B 71 1.18 11.95 24.13
N VAL B 72 1.86 10.81 23.99
CA VAL B 72 1.18 9.61 23.53
C VAL B 72 0.18 9.13 24.57
N ARG B 73 0.51 9.23 25.86
CA ARG B 73 -0.46 8.84 26.88
C ARG B 73 -1.64 9.81 26.93
N GLU B 74 -1.39 11.11 26.79
CA GLU B 74 -2.47 12.09 26.81
C GLU B 74 -3.37 11.96 25.59
N ILE B 75 -2.84 11.44 24.49
CA ILE B 75 -3.65 11.27 23.29
C ILE B 75 -4.27 9.88 23.19
N ALA B 76 -3.80 8.92 23.98
CA ALA B 76 -4.36 7.58 23.99
C ALA B 76 -5.30 7.33 25.17
N GLN B 77 -5.32 8.21 26.17
CA GLN B 77 -6.24 8.01 27.29
C GLN B 77 -7.70 8.06 26.87
N ASP B 78 -8.02 8.77 25.78
CA ASP B 78 -9.41 8.84 25.35
C ASP B 78 -9.91 7.51 24.80
N PHE B 79 -9.03 6.76 24.11
CA PHE B 79 -9.44 5.47 23.55
C PHE B 79 -9.73 4.47 24.65
N LYS B 80 -8.83 4.34 25.62
CA LYS B 80 -9.01 3.47 26.77
C LYS B 80 -8.50 4.20 28.00
N THR B 81 -9.40 4.52 28.92
CA THR B 81 -9.01 5.23 30.13
C THR B 81 -8.05 4.40 30.97
N ASP B 82 -6.98 5.04 31.44
CA ASP B 82 -5.96 4.40 32.26
C ASP B 82 -5.38 3.17 31.55
N LEU B 83 -4.76 3.45 30.41
CA LEU B 83 -4.08 2.43 29.62
C LEU B 83 -2.57 2.60 29.77
N ARG B 84 -1.87 1.48 29.85
CA ARG B 84 -0.42 1.47 30.01
C ARG B 84 0.25 1.00 28.73
N PHE B 85 1.53 1.36 28.61
CA PHE B 85 2.33 1.03 27.45
C PHE B 85 3.60 0.34 27.89
N GLN B 86 4.17 -0.47 27.01
CA GLN B 86 5.50 -1.02 27.22
C GLN B 86 6.55 -0.04 26.72
N SER B 87 7.72 -0.11 27.35
CA SER B 87 8.82 0.77 26.94
C SER B 87 9.21 0.52 25.49
N SER B 88 9.31 -0.76 25.10
CA SER B 88 9.64 -1.08 23.72
C SER B 88 8.58 -0.56 22.77
N ALA B 89 7.30 -0.71 23.13
CA ALA B 89 6.23 -0.22 22.27
C ALA B 89 6.30 1.29 22.11
N VAL B 90 6.55 2.02 23.20
CA VAL B 90 6.54 3.47 23.09
C VAL B 90 7.76 3.97 22.31
N MET B 91 8.93 3.35 22.49
CA MET B 91 10.07 3.80 21.68
C MET B 91 9.87 3.46 20.21
N ALA B 92 9.30 2.30 19.92
CA ALA B 92 9.00 1.94 18.53
C ALA B 92 8.03 2.93 17.91
N LEU B 93 6.97 3.29 18.64
CA LEU B 93 6.00 4.25 18.13
C LEU B 93 6.66 5.60 17.88
N GLN B 94 7.50 6.04 18.82
CA GLN B 94 8.18 7.33 18.66
C GLN B 94 9.10 7.32 17.45
N GLU B 95 9.86 6.25 17.27
CA GLU B 95 10.79 6.23 16.15
C GLU B 95 10.07 6.10 14.81
N ALA B 96 8.93 5.39 14.78
CA ALA B 96 8.11 5.39 13.57
C ALA B 96 7.58 6.78 13.27
N SER B 97 7.15 7.50 14.31
CA SER B 97 6.69 8.87 14.11
C SER B 97 7.81 9.76 13.58
N GLU B 98 9.02 9.61 14.14
CA GLU B 98 10.15 10.39 13.66
C GLU B 98 10.46 10.08 12.20
N ALA B 99 10.45 8.80 11.84
CA ALA B 99 10.73 8.43 10.45
C ALA B 99 9.68 9.01 9.51
N TYR B 100 8.41 8.91 9.88
CA TYR B 100 7.35 9.47 9.03
C TYR B 100 7.50 10.98 8.90
N LEU B 101 7.75 11.67 10.02
CA LEU B 101 7.84 13.12 9.98
C LEU B 101 9.08 13.58 9.21
N VAL B 102 10.19 12.85 9.33
CA VAL B 102 11.39 13.24 8.61
C VAL B 102 11.23 13.00 7.11
N GLY B 103 10.57 11.91 6.72
CA GLY B 103 10.29 11.72 5.30
C GLY B 103 9.34 12.78 4.76
N LEU B 104 8.31 13.12 5.54
CA LEU B 104 7.38 14.16 5.12
C LEU B 104 8.10 15.49 4.98
N PHE B 105 9.03 15.79 5.91
CA PHE B 105 9.79 17.04 5.83
C PHE B 105 10.72 17.05 4.63
N GLU B 106 11.33 15.91 4.29
CA GLU B 106 12.19 15.89 3.11
C GLU B 106 11.38 16.10 1.84
N ASP B 107 10.18 15.50 1.76
CA ASP B 107 9.31 15.77 0.62
C ASP B 107 8.88 17.23 0.59
N THR B 108 8.61 17.80 1.77
CA THR B 108 8.25 19.20 1.87
C THR B 108 9.37 20.09 1.36
N ASN B 109 10.61 19.78 1.73
CA ASN B 109 11.75 20.55 1.24
C ASN B 109 11.90 20.40 -0.27
N LEU B 110 11.67 19.19 -0.78
CA LEU B 110 11.71 19.00 -2.23
C LEU B 110 10.70 19.90 -2.92
N CYS B 111 9.46 19.94 -2.41
CA CYS B 111 8.44 20.80 -3.00
C CYS B 111 8.82 22.28 -2.86
N ALA B 112 9.42 22.65 -1.74
CA ALA B 112 9.80 24.05 -1.52
C ALA B 112 10.85 24.49 -2.52
N ILE B 113 11.90 23.68 -2.71
CA ILE B 113 12.88 24.02 -3.73
C ILE B 113 12.28 23.94 -5.13
N HIS B 114 11.26 23.11 -5.33
CA HIS B 114 10.57 23.10 -6.62
C HIS B 114 9.87 24.43 -6.87
N ALA B 115 9.26 25.01 -5.84
CA ALA B 115 8.57 26.29 -6.00
C ALA B 115 9.51 27.48 -5.86
N LYS B 116 10.65 27.46 -6.57
CA LYS B 116 11.63 28.53 -6.64
C LYS B 116 11.85 29.26 -5.32
N ARG B 117 11.91 28.51 -4.23
CA ARG B 117 12.12 29.08 -2.90
C ARG B 117 12.93 28.10 -2.07
N VAL B 118 13.29 28.52 -0.85
CA VAL B 118 14.08 27.69 0.05
C VAL B 118 13.34 27.56 1.37
N THR B 119 12.46 28.51 1.67
CA THR B 119 11.70 28.51 2.91
C THR B 119 10.49 27.61 2.77
N ILE B 120 10.35 26.64 3.68
CA ILE B 120 9.18 25.78 3.67
C ILE B 120 8.00 26.53 4.30
N MET B 121 6.90 26.59 3.57
CA MET B 121 5.72 27.35 3.95
C MET B 121 4.56 26.42 4.27
N PRO B 122 3.53 26.90 4.98
CA PRO B 122 2.38 26.02 5.26
C PRO B 122 1.73 25.45 4.00
N LYS B 123 1.59 26.25 2.94
CA LYS B 123 1.04 25.71 1.71
C LYS B 123 1.91 24.57 1.18
N ASP B 124 3.23 24.68 1.36
CA ASP B 124 4.14 23.62 0.94
C ASP B 124 3.85 22.32 1.67
N ILE B 125 3.69 22.37 2.99
CA ILE B 125 3.47 21.14 3.75
C ILE B 125 2.11 20.54 3.44
N GLN B 126 1.09 21.40 3.27
CA GLN B 126 -0.23 20.88 2.88
C GLN B 126 -0.18 20.21 1.52
N LEU B 127 0.51 20.84 0.56
CA LEU B 127 0.60 20.27 -0.77
C LEU B 127 1.33 18.93 -0.75
N ALA B 128 2.44 18.86 0.00
CA ALA B 128 3.19 17.61 0.09
C ALA B 128 2.33 16.51 0.70
N ARG B 129 1.60 16.83 1.78
CA ARG B 129 0.71 15.84 2.37
C ARG B 129 -0.37 15.39 1.40
N ARG B 130 -0.93 16.33 0.62
CA ARG B 130 -2.06 16.00 -0.23
C ARG B 130 -1.62 15.21 -1.46
N ILE B 131 -0.40 15.43 -1.96
CA ILE B 131 0.12 14.50 -2.96
C ILE B 131 0.40 13.15 -2.32
N ARG B 132 0.90 13.15 -1.07
CA ARG B 132 1.26 11.90 -0.42
C ARG B 132 0.06 10.97 -0.26
N GLY B 133 -1.15 11.50 -0.37
CA GLY B 133 -2.35 10.69 -0.30
C GLY B 133 -2.87 10.42 1.09
N GLU B 134 -2.29 11.04 2.12
CA GLU B 134 -2.75 10.87 3.49
C GLU B 134 -3.80 11.88 3.90
N ARG B 135 -3.87 13.04 3.25
CA ARG B 135 -4.83 14.06 3.64
C ARG B 135 -6.17 13.87 2.93
N ALA B 136 -6.14 13.82 1.60
CA ALA B 136 -7.37 13.66 0.82
C ALA B 136 -7.14 12.78 -0.39
N LYS C 21 4.75 28.01 35.39
CA LYS C 21 4.67 27.37 34.07
C LYS C 21 4.86 25.86 34.19
N VAL C 22 3.90 25.20 34.82
CA VAL C 22 3.96 23.75 35.02
C VAL C 22 2.78 23.01 34.42
N LEU C 23 1.66 23.67 34.15
CA LEU C 23 0.49 23.05 33.53
C LEU C 23 0.50 23.40 32.05
N ARG C 24 0.90 22.45 31.22
CA ARG C 24 0.99 22.65 29.77
C ARG C 24 0.46 21.42 29.04
N ASP C 25 -0.04 21.64 27.83
CA ASP C 25 -0.53 20.54 27.01
C ASP C 25 0.62 19.65 26.57
N ASN C 26 0.37 18.34 26.57
CA ASN C 26 1.40 17.38 26.21
C ASN C 26 1.78 17.45 24.74
N ILE C 27 0.92 18.03 23.90
CA ILE C 27 1.29 18.23 22.50
C ILE C 27 2.42 19.24 22.38
N GLN C 28 2.42 20.27 23.23
CA GLN C 28 3.49 21.25 23.24
C GLN C 28 4.82 20.68 23.70
N GLY C 29 4.83 19.45 24.24
CA GLY C 29 6.09 18.81 24.57
C GLY C 29 6.96 18.62 23.34
N ILE C 30 6.35 18.57 22.17
CA ILE C 30 7.09 18.56 20.90
C ILE C 30 7.54 20.00 20.67
N THR C 31 8.77 20.31 21.04
CA THR C 31 9.21 21.69 21.10
C THR C 31 9.80 22.13 19.75
N LYS C 32 9.97 23.44 19.60
CA LYS C 32 10.47 24.04 18.37
C LYS C 32 11.87 23.55 18.01
N PRO C 33 12.83 23.49 18.94
CA PRO C 33 14.13 22.91 18.58
C PRO C 33 14.05 21.46 18.13
N ALA C 34 13.15 20.67 18.70
CA ALA C 34 13.06 19.26 18.35
C ALA C 34 12.53 19.09 16.92
N ILE C 35 11.44 19.79 16.59
CA ILE C 35 10.93 19.74 15.23
C ILE C 35 11.92 20.36 14.26
N ARG C 36 12.66 21.39 14.69
CA ARG C 36 13.68 21.98 13.84
C ARG C 36 14.77 20.97 13.51
N ARG C 37 15.21 20.20 14.50
CA ARG C 37 16.23 19.19 14.22
C ARG C 37 15.67 18.02 13.41
N LEU C 38 14.38 17.71 13.58
CA LEU C 38 13.75 16.73 12.70
C LEU C 38 13.79 17.20 11.25
N ALA C 39 13.44 18.47 11.02
CA ALA C 39 13.51 19.02 9.68
C ALA C 39 14.94 19.05 9.15
N ARG C 40 15.91 19.37 10.01
CA ARG C 40 17.30 19.37 9.60
C ARG C 40 17.76 17.97 9.17
N ARG C 41 17.38 16.94 9.93
CA ARG C 41 17.63 15.58 9.49
C ARG C 41 16.90 15.29 8.19
N GLY C 42 15.74 15.93 7.97
CA GLY C 42 15.06 15.79 6.70
C GLY C 42 15.87 16.33 5.55
N GLY C 43 16.51 17.49 5.76
CA GLY C 43 17.35 18.07 4.73
C GLY C 43 16.92 19.44 4.27
N VAL C 44 16.23 20.19 5.12
CA VAL C 44 15.81 21.54 4.79
C VAL C 44 16.59 22.52 5.66
N LYS C 45 17.13 23.56 5.01
CA LYS C 45 17.99 24.52 5.68
C LYS C 45 17.25 25.73 6.22
N ARG C 46 16.05 26.03 5.72
CA ARG C 46 15.32 27.22 6.17
C ARG C 46 13.88 26.84 6.44
N ILE C 47 13.36 27.29 7.59
CA ILE C 47 12.00 26.99 8.02
C ILE C 47 11.29 28.29 8.35
N SER C 48 10.04 28.38 7.92
CA SER C 48 9.21 29.55 8.19
C SER C 48 8.60 29.45 9.59
N GLY C 49 8.00 30.56 10.04
CA GLY C 49 7.46 30.65 11.38
C GLY C 49 6.12 29.99 11.60
N LEU C 50 5.39 29.66 10.53
CA LEU C 50 4.07 29.05 10.64
C LEU C 50 4.11 27.55 10.38
N ILE C 51 5.30 26.95 10.41
CA ILE C 51 5.42 25.51 10.16
C ILE C 51 5.19 24.72 11.44
N TYR C 52 5.55 25.27 12.59
CA TYR C 52 5.65 24.48 13.81
C TYR C 52 4.29 23.96 14.27
N GLU C 53 3.30 24.85 14.37
CA GLU C 53 2.01 24.43 14.92
C GLU C 53 1.27 23.48 13.99
N GLU C 54 1.36 23.71 12.68
CA GLU C 54 0.67 22.84 11.74
C GLU C 54 1.37 21.49 11.64
N THR C 55 2.69 21.48 11.71
CA THR C 55 3.41 20.21 11.80
C THR C 55 3.05 19.46 13.07
N ARG C 56 2.87 20.19 14.18
CA ARG C 56 2.39 19.56 15.40
C ARG C 56 1.03 18.92 15.17
N GLY C 57 0.13 19.62 14.47
CA GLY C 57 -1.18 19.07 14.20
C GLY C 57 -1.13 17.81 13.36
N VAL C 58 -0.34 17.82 12.28
CA VAL C 58 -0.25 16.63 11.43
C VAL C 58 0.43 15.50 12.18
N LEU C 59 1.40 15.82 13.03
CA LEU C 59 2.07 14.79 13.83
C LEU C 59 1.09 14.14 14.80
N LYS C 60 0.27 14.95 15.47
CA LYS C 60 -0.73 14.39 16.38
C LYS C 60 -1.79 13.61 15.61
N VAL C 61 -2.10 14.01 14.37
CA VAL C 61 -3.04 13.27 13.55
C VAL C 61 -2.49 11.87 13.25
N PHE C 62 -1.22 11.81 12.85
CA PHE C 62 -0.60 10.51 12.61
C PHE C 62 -0.59 9.67 13.87
N LEU C 63 -0.33 10.31 15.01
CA LEU C 63 -0.35 9.59 16.28
C LEU C 63 -1.72 8.99 16.58
N GLU C 64 -2.78 9.78 16.46
CA GLU C 64 -4.09 9.20 16.76
C GLU C 64 -4.42 8.09 15.77
N ASN C 65 -4.04 8.26 14.50
CA ASN C 65 -4.30 7.22 13.51
C ASN C 65 -3.62 5.91 13.86
N VAL C 66 -2.36 5.95 14.30
CA VAL C 66 -1.67 4.70 14.62
C VAL C 66 -2.18 4.12 15.95
N ILE C 67 -2.37 4.98 16.96
CA ILE C 67 -2.77 4.50 18.27
C ILE C 67 -4.19 3.95 18.27
N ARG C 68 -5.07 4.43 17.40
CA ARG C 68 -6.40 3.83 17.31
C ARG C 68 -6.31 2.34 17.00
N ASP C 69 -5.54 2.00 15.97
CA ASP C 69 -5.34 0.59 15.63
C ASP C 69 -4.58 -0.14 16.71
N ALA C 70 -3.59 0.52 17.33
CA ALA C 70 -2.83 -0.13 18.40
C ALA C 70 -3.73 -0.53 19.56
N VAL C 71 -4.57 0.40 20.02
CA VAL C 71 -5.45 0.10 21.15
C VAL C 71 -6.51 -0.92 20.74
N THR C 72 -6.97 -0.88 19.49
CA THR C 72 -7.90 -1.92 19.04
C THR C 72 -7.26 -3.30 19.12
N TYR C 73 -6.01 -3.41 18.67
CA TYR C 73 -5.29 -4.67 18.79
C TYR C 73 -5.15 -5.10 20.24
N THR C 74 -4.88 -4.14 21.14
CA THR C 74 -4.75 -4.49 22.55
C THR C 74 -6.07 -5.01 23.12
N GLU C 75 -7.19 -4.35 22.79
CA GLU C 75 -8.48 -4.83 23.26
C GLU C 75 -8.79 -6.22 22.72
N HIS C 76 -8.38 -6.52 21.48
CA HIS C 76 -8.50 -7.90 21.03
C HIS C 76 -7.75 -8.88 21.91
N ALA C 77 -6.61 -8.50 22.47
CA ALA C 77 -5.83 -9.41 23.29
C ALA C 77 -6.41 -9.63 24.66
N LYS C 78 -7.50 -8.91 25.00
CA LYS C 78 -8.09 -8.96 26.34
C LYS C 78 -7.06 -8.60 27.40
N ARG C 79 -6.21 -7.64 27.07
CA ARG C 79 -5.13 -7.20 27.95
C ARG C 79 -5.15 -5.68 28.03
N LYS C 80 -4.66 -5.17 29.16
CA LYS C 80 -4.60 -3.73 29.40
C LYS C 80 -3.27 -3.11 29.01
N THR C 81 -2.29 -3.91 28.59
CA THR C 81 -1.01 -3.39 28.17
C THR C 81 -0.95 -3.26 26.65
N VAL C 82 -0.04 -2.40 26.19
CA VAL C 82 0.22 -2.21 24.77
C VAL C 82 1.66 -2.64 24.54
N THR C 83 1.86 -3.91 24.20
CA THR C 83 3.21 -4.38 23.92
C THR C 83 3.63 -3.97 22.51
N ALA C 84 4.91 -4.15 22.21
CA ALA C 84 5.43 -3.71 20.92
C ALA C 84 4.76 -4.42 19.75
N MET C 85 4.23 -5.62 19.98
CA MET C 85 3.60 -6.37 18.90
C MET C 85 2.40 -5.61 18.34
N ASP C 86 1.56 -5.06 19.21
CA ASP C 86 0.40 -4.32 18.73
C ASP C 86 0.80 -3.10 17.92
N VAL C 87 1.82 -2.37 18.38
CA VAL C 87 2.19 -1.15 17.64
C VAL C 87 2.82 -1.50 16.30
N VAL C 88 3.65 -2.55 16.23
CA VAL C 88 4.23 -2.88 14.92
C VAL C 88 3.13 -3.38 14.00
N TYR C 89 2.18 -4.17 14.51
CA TYR C 89 1.08 -4.63 13.67
C TYR C 89 0.23 -3.47 13.17
N ALA C 90 -0.04 -2.49 14.03
CA ALA C 90 -0.82 -1.34 13.61
C ALA C 90 -0.08 -0.52 12.57
N LEU C 91 1.23 -0.34 12.74
CA LEU C 91 2.01 0.40 11.76
C LEU C 91 2.04 -0.33 10.42
N LYS C 92 2.19 -1.65 10.45
CA LYS C 92 2.15 -2.43 9.21
C LYS C 92 0.79 -2.34 8.54
N ARG C 93 -0.29 -2.40 9.32
CA ARG C 93 -1.63 -2.25 8.76
C ARG C 93 -1.83 -0.88 8.12
N GLN C 94 -1.32 0.17 8.74
CA GLN C 94 -1.41 1.51 8.18
C GLN C 94 -0.60 1.67 6.90
N GLY C 95 0.41 0.82 6.68
CA GLY C 95 1.22 0.89 5.49
C GLY C 95 2.67 1.27 5.71
N ARG C 96 3.16 1.20 6.95
CA ARG C 96 4.54 1.52 7.28
C ARG C 96 5.07 0.40 8.18
N THR C 97 5.68 -0.61 7.59
CA THR C 97 6.24 -1.69 8.37
C THR C 97 7.43 -1.19 9.18
N LEU C 98 7.83 -1.99 10.18
CA LEU C 98 8.91 -1.60 11.06
C LEU C 98 9.64 -2.86 11.51
N TYR C 99 10.96 -2.78 11.54
CA TYR C 99 11.82 -3.91 11.86
C TYR C 99 12.52 -3.69 13.19
N GLY C 100 12.95 -4.80 13.80
CA GLY C 100 13.74 -4.78 15.00
C GLY C 100 12.98 -5.04 16.29
N PHE C 101 11.70 -4.70 16.33
CA PHE C 101 10.90 -4.97 17.53
C PHE C 101 10.10 -6.26 17.36
N GLY C 102 10.78 -7.38 17.38
CA GLY C 102 10.11 -8.68 17.26
C GLY C 102 9.94 -9.10 15.80
N GLY C 103 8.75 -8.91 15.27
CA GLY C 103 8.46 -9.26 13.89
C GLY C 103 7.81 -10.62 13.76
N ALA D 1 -36.91 -31.85 10.19
CA ALA D 1 -37.12 -31.22 8.90
C ALA D 1 -37.23 -29.70 9.05
N LYS D 2 -38.04 -29.08 8.19
CA LYS D 2 -38.28 -27.65 8.22
C LYS D 2 -36.99 -26.87 8.07
N ALA D 3 -36.31 -27.01 6.93
CA ALA D 3 -35.04 -26.32 6.71
C ALA D 3 -35.27 -24.84 6.44
N LYS D 4 -34.52 -24.00 7.15
CA LYS D 4 -34.56 -22.56 6.96
C LYS D 4 -33.13 -22.05 6.83
N THR D 5 -32.94 -21.02 6.01
CA THR D 5 -31.61 -20.50 5.78
C THR D 5 -31.17 -19.58 6.93
N ARG D 6 -29.86 -19.50 7.11
CA ARG D 6 -29.30 -18.64 8.15
C ARG D 6 -29.51 -17.17 7.89
N SER D 7 -29.57 -16.76 6.62
CA SER D 7 -29.79 -15.35 6.31
C SER D 7 -31.16 -14.89 6.80
N SER D 8 -32.19 -15.72 6.65
CA SER D 8 -33.50 -15.38 7.17
C SER D 8 -33.51 -15.37 8.70
N ARG D 9 -32.84 -16.33 9.33
CA ARG D 9 -32.79 -16.38 10.78
C ARG D 9 -32.10 -15.15 11.36
N ALA D 10 -31.06 -14.66 10.69
CA ALA D 10 -30.38 -13.44 11.10
C ALA D 10 -31.06 -12.18 10.58
N GLY D 11 -32.13 -12.33 9.80
CA GLY D 11 -32.78 -11.16 9.22
C GLY D 11 -31.90 -10.40 8.25
N LEU D 12 -31.16 -11.12 7.42
CA LEU D 12 -30.23 -10.51 6.47
C LEU D 12 -30.56 -10.96 5.06
N GLN D 13 -30.19 -10.11 4.10
CA GLN D 13 -30.41 -10.39 2.69
C GLN D 13 -29.17 -10.91 1.98
N PHE D 14 -28.09 -11.15 2.71
CA PHE D 14 -26.86 -11.71 2.16
C PHE D 14 -26.68 -13.15 2.64
N PRO D 15 -26.07 -14.00 1.82
CA PRO D 15 -26.02 -15.44 2.13
C PRO D 15 -25.03 -15.73 3.24
N VAL D 16 -25.55 -16.05 4.43
CA VAL D 16 -24.69 -16.38 5.55
C VAL D 16 -23.97 -17.70 5.32
N GLY D 17 -24.68 -18.70 4.79
CA GLY D 17 -24.04 -19.98 4.52
C GLY D 17 -22.94 -19.87 3.49
N ARG D 18 -23.17 -19.07 2.45
CA ARG D 18 -22.14 -18.87 1.43
C ARG D 18 -20.91 -18.19 2.00
N VAL D 19 -21.11 -17.16 2.82
CA VAL D 19 -19.98 -16.46 3.44
C VAL D 19 -19.23 -17.40 4.36
N HIS D 20 -19.96 -18.24 5.11
CA HIS D 20 -19.31 -19.21 5.97
C HIS D 20 -18.49 -20.22 5.16
N ARG D 21 -19.03 -20.67 4.03
CA ARG D 21 -18.29 -21.61 3.18
C ARG D 21 -17.04 -20.95 2.59
N LEU D 22 -17.16 -19.68 2.19
CA LEU D 22 -16.01 -18.96 1.67
C LEU D 22 -14.92 -18.81 2.73
N LEU D 23 -15.33 -18.49 3.97
CA LEU D 23 -14.37 -18.45 5.06
C LEU D 23 -13.74 -19.81 5.31
N ARG D 24 -14.53 -20.88 5.24
CA ARG D 24 -14.00 -22.22 5.46
C ARG D 24 -12.97 -22.60 4.41
N LYS D 25 -13.24 -22.28 3.15
CA LYS D 25 -12.38 -22.69 2.05
C LYS D 25 -11.32 -21.66 1.69
N GLY D 26 -11.31 -20.50 2.35
CA GLY D 26 -10.37 -19.44 2.05
C GLY D 26 -9.04 -19.53 2.78
N ASN D 27 -8.82 -20.60 3.54
CA ASN D 27 -7.57 -20.77 4.30
C ASN D 27 -7.30 -19.59 5.22
N TYR D 28 -8.30 -19.25 6.04
CA TYR D 28 -8.14 -18.17 7.01
C TYR D 28 -7.87 -18.68 8.41
N ALA D 29 -8.49 -19.80 8.79
CA ALA D 29 -8.21 -20.44 10.06
C ALA D 29 -8.65 -21.89 9.98
N GLU D 30 -8.15 -22.69 10.92
CA GLU D 30 -8.54 -24.10 10.96
C GLU D 30 -10.02 -24.26 11.26
N ARG D 31 -10.59 -23.35 12.06
CA ARG D 31 -12.01 -23.37 12.40
C ARG D 31 -12.58 -21.97 12.23
N VAL D 32 -13.89 -21.90 12.06
CA VAL D 32 -14.62 -20.64 11.93
C VAL D 32 -15.81 -20.67 12.86
N GLY D 33 -16.03 -19.58 13.59
CA GLY D 33 -17.13 -19.47 14.51
C GLY D 33 -18.45 -19.27 13.79
N ALA D 34 -19.54 -19.54 14.53
CA ALA D 34 -20.88 -19.44 13.97
C ALA D 34 -21.30 -18.02 13.66
N GLY D 35 -20.99 -17.07 14.54
CA GLY D 35 -21.44 -15.70 14.33
C GLY D 35 -20.59 -14.87 13.40
N ALA D 36 -19.40 -15.36 13.04
CA ALA D 36 -18.54 -14.61 12.13
C ALA D 36 -19.18 -14.40 10.76
N PRO D 37 -19.72 -15.43 10.10
CA PRO D 37 -20.41 -15.15 8.82
C PRO D 37 -21.60 -14.22 8.98
N VAL D 38 -22.32 -14.29 10.10
CA VAL D 38 -23.44 -13.39 10.32
C VAL D 38 -22.94 -11.94 10.38
N TYR D 39 -21.88 -11.71 11.15
CA TYR D 39 -21.32 -10.36 11.25
C TYR D 39 -20.84 -9.88 9.89
N LEU D 40 -20.17 -10.75 9.14
CA LEU D 40 -19.66 -10.37 7.83
C LEU D 40 -20.79 -10.01 6.88
N ALA D 41 -21.84 -10.83 6.83
CA ALA D 41 -22.97 -10.53 5.98
C ALA D 41 -23.62 -9.22 6.38
N ALA D 42 -23.73 -8.96 7.69
CA ALA D 42 -24.34 -7.72 8.15
C ALA D 42 -23.53 -6.50 7.70
N VAL D 43 -22.20 -6.58 7.84
CA VAL D 43 -21.40 -5.40 7.50
C VAL D 43 -21.38 -5.17 5.99
N LEU D 44 -21.32 -6.25 5.19
CA LEU D 44 -21.41 -6.08 3.74
C LEU D 44 -22.76 -5.50 3.35
N GLU D 45 -23.84 -5.96 3.99
CA GLU D 45 -25.15 -5.41 3.70
C GLU D 45 -25.21 -3.92 4.02
N TYR D 46 -24.67 -3.52 5.17
CA TYR D 46 -24.67 -2.11 5.52
C TYR D 46 -23.90 -1.29 4.50
N LEU D 47 -22.69 -1.74 4.13
CA LEU D 47 -21.89 -0.97 3.20
C LEU D 47 -22.57 -0.86 1.84
N THR D 48 -23.10 -1.97 1.33
CA THR D 48 -23.79 -1.95 0.05
C THR D 48 -24.98 -1.00 0.09
N ALA D 49 -25.82 -1.11 1.13
CA ALA D 49 -26.96 -0.22 1.25
C ALA D 49 -26.52 1.24 1.31
N GLU D 50 -25.39 1.51 1.99
CA GLU D 50 -24.91 2.86 2.16
C GLU D 50 -24.58 3.48 0.81
N ILE D 51 -23.69 2.82 0.06
CA ILE D 51 -23.30 3.35 -1.24
C ILE D 51 -24.51 3.35 -2.17
N LEU D 52 -25.47 2.45 -1.93
CA LEU D 52 -26.65 2.41 -2.78
C LEU D 52 -27.55 3.62 -2.58
N GLU D 53 -27.75 4.08 -1.34
CA GLU D 53 -28.58 5.29 -1.22
C GLU D 53 -27.83 6.49 -1.76
N LEU D 54 -26.49 6.55 -1.59
CA LEU D 54 -25.76 7.61 -2.27
C LEU D 54 -25.96 7.57 -3.78
N ALA D 55 -25.86 6.39 -4.38
CA ALA D 55 -26.01 6.27 -5.82
C ALA D 55 -27.42 6.64 -6.26
N GLY D 56 -28.42 6.21 -5.50
CA GLY D 56 -29.79 6.54 -5.84
C GLY D 56 -30.06 8.03 -5.74
N ASN D 57 -29.51 8.69 -4.72
CA ASN D 57 -29.66 10.13 -4.61
C ASN D 57 -28.99 10.84 -5.78
N ALA D 58 -27.79 10.38 -6.16
CA ALA D 58 -27.12 10.97 -7.33
C ALA D 58 -27.94 10.78 -8.60
N ALA D 59 -28.51 9.59 -8.80
CA ALA D 59 -29.30 9.33 -9.99
C ALA D 59 -30.57 10.18 -10.02
N ARG D 60 -31.23 10.32 -8.86
CA ARG D 60 -32.42 11.16 -8.79
C ARG D 60 -32.07 12.62 -9.07
N ASP D 61 -30.90 13.07 -8.59
CA ASP D 61 -30.42 14.41 -8.94
C ASP D 61 -30.22 14.52 -10.45
N ASN D 62 -29.64 13.49 -11.07
CA ASN D 62 -29.33 13.50 -12.50
C ASN D 62 -30.56 13.00 -13.28
N LYS D 63 -31.74 13.05 -12.64
CA LYS D 63 -33.05 12.70 -13.21
C LYS D 63 -33.00 11.44 -14.05
N LYS D 64 -32.37 10.38 -13.53
CA LYS D 64 -32.34 9.09 -14.20
C LYS D 64 -32.69 7.99 -13.20
N THR D 65 -33.35 6.95 -13.70
CA THR D 65 -33.81 5.84 -12.87
C THR D 65 -32.92 4.61 -12.95
N ARG D 66 -31.75 4.71 -13.57
CA ARG D 66 -30.83 3.58 -13.68
C ARG D 66 -29.49 3.94 -13.06
N ILE D 67 -28.82 2.95 -12.49
CA ILE D 67 -27.55 3.18 -11.80
C ILE D 67 -26.40 2.86 -12.74
N ILE D 68 -25.51 3.81 -12.94
CA ILE D 68 -24.35 3.65 -13.82
C ILE D 68 -23.11 4.01 -13.01
N PRO D 69 -21.93 3.54 -13.44
CA PRO D 69 -20.71 3.84 -12.68
C PRO D 69 -20.45 5.32 -12.51
N ARG D 70 -20.94 6.17 -13.42
CA ARG D 70 -20.80 7.61 -13.21
C ARG D 70 -21.49 8.04 -11.93
N HIS D 71 -22.71 7.54 -11.68
CA HIS D 71 -23.36 7.82 -10.41
C HIS D 71 -22.57 7.27 -9.25
N LEU D 72 -21.96 6.09 -9.42
CA LEU D 72 -21.21 5.48 -8.33
C LEU D 72 -20.03 6.35 -7.92
N GLN D 73 -19.26 6.85 -8.91
CA GLN D 73 -18.18 7.77 -8.58
C GLN D 73 -18.69 9.09 -8.02
N LEU D 74 -19.75 9.65 -8.63
CA LEU D 74 -20.27 10.92 -8.15
C LEU D 74 -20.77 10.81 -6.72
N ALA D 75 -21.18 9.62 -6.30
CA ALA D 75 -21.64 9.40 -4.94
C ALA D 75 -20.49 9.08 -3.99
N VAL D 76 -19.52 8.28 -4.44
CA VAL D 76 -18.40 7.91 -3.59
C VAL D 76 -17.45 9.07 -3.31
N ARG D 77 -17.17 9.91 -4.32
CA ARG D 77 -16.16 10.95 -4.18
C ARG D 77 -16.70 12.23 -3.55
N ASN D 78 -17.99 12.30 -3.23
CA ASN D 78 -18.53 13.49 -2.59
C ASN D 78 -18.42 13.45 -1.07
N ASP D 79 -18.59 12.28 -0.46
CA ASP D 79 -18.48 12.14 0.98
C ASP D 79 -17.12 11.56 1.34
N GLU D 80 -16.38 12.29 2.17
CA GLU D 80 -15.02 11.87 2.49
C GLU D 80 -14.96 10.66 3.41
N GLU D 81 -16.03 10.36 4.16
CA GLU D 81 -15.99 9.19 5.02
C GLU D 81 -15.91 7.91 4.20
N LEU D 82 -16.64 7.86 3.09
CA LEU D 82 -16.51 6.76 2.13
C LEU D 82 -15.26 6.88 1.29
N ASN D 83 -14.79 8.11 1.04
CA ASN D 83 -13.55 8.30 0.29
C ASN D 83 -12.36 7.67 1.02
N LYS D 84 -12.28 7.85 2.33
CA LYS D 84 -11.18 7.28 3.10
C LYS D 84 -11.10 5.77 2.96
N LEU D 85 -12.21 5.10 2.68
CA LEU D 85 -12.23 3.67 2.41
C LEU D 85 -11.99 3.34 0.95
N LEU D 86 -12.51 4.15 0.03
CA LEU D 86 -12.41 3.89 -1.40
C LEU D 86 -11.57 4.93 -2.12
N GLY D 87 -10.62 5.56 -1.43
CA GLY D 87 -9.73 6.51 -2.07
C GLY D 87 -8.64 5.86 -2.89
N ARG D 88 -8.34 4.59 -2.61
CA ARG D 88 -7.30 3.89 -3.36
C ARG D 88 -7.86 3.18 -4.58
N VAL D 89 -9.12 2.76 -4.52
CA VAL D 89 -9.75 1.98 -5.58
C VAL D 89 -10.34 2.92 -6.62
N THR D 90 -10.22 2.53 -7.88
CA THR D 90 -10.89 3.17 -8.99
C THR D 90 -11.85 2.17 -9.65
N ILE D 91 -12.92 2.70 -10.24
CA ILE D 91 -13.94 1.86 -10.82
C ILE D 91 -13.97 2.09 -12.32
N ALA D 92 -14.52 1.10 -13.04
CA ALA D 92 -14.58 1.13 -14.50
C ALA D 92 -15.47 2.27 -14.96
N GLN D 93 -15.03 2.98 -16.01
CA GLN D 93 -15.79 4.07 -16.61
C GLN D 93 -16.17 5.11 -15.55
N GLY D 94 -15.25 5.38 -14.63
CA GLY D 94 -15.56 6.25 -13.51
C GLY D 94 -15.54 7.74 -13.81
N GLY D 95 -14.39 8.27 -14.18
CA GLY D 95 -14.22 9.70 -14.33
C GLY D 95 -13.97 10.39 -13.00
N VAL D 96 -14.03 11.72 -13.05
CA VAL D 96 -13.76 12.56 -11.88
C VAL D 96 -14.89 13.57 -11.73
N LEU D 97 -14.86 14.29 -10.59
CA LEU D 97 -15.81 15.34 -10.26
C LEU D 97 -15.45 16.64 -10.98
N PRO D 98 -16.45 17.48 -11.28
CA PRO D 98 -16.16 18.76 -11.93
C PRO D 98 -15.57 19.78 -10.96
N ASN D 99 -14.26 19.69 -10.72
CA ASN D 99 -13.57 20.63 -9.85
C ASN D 99 -12.60 21.47 -10.67
N ILE D 100 -12.71 22.78 -10.54
CA ILE D 100 -11.83 23.73 -11.23
C ILE D 100 -11.19 24.63 -10.19
N GLN D 101 -9.86 24.76 -10.26
CA GLN D 101 -9.15 25.62 -9.34
C GLN D 101 -9.58 27.07 -9.54
N SER D 102 -9.66 27.80 -8.42
CA SER D 102 -10.17 29.17 -8.46
C SER D 102 -9.29 30.08 -9.29
N VAL D 103 -7.99 29.80 -9.34
CA VAL D 103 -7.10 30.64 -10.14
C VAL D 103 -7.38 30.47 -11.64
N LEU D 104 -7.71 29.25 -12.07
CA LEU D 104 -8.00 29.01 -13.48
C LEU D 104 -9.26 29.73 -13.94
N LEU D 105 -10.13 30.12 -13.01
CA LEU D 105 -11.33 30.85 -13.38
C LEU D 105 -10.97 32.25 -13.88
N PRO D 106 -11.83 32.85 -14.71
CA PRO D 106 -11.53 34.19 -15.24
C PRO D 106 -11.59 35.27 -14.16
N LYS D 107 -11.38 36.52 -14.57
CA LYS D 107 -11.37 37.62 -13.60
C LYS D 107 -12.72 37.78 -12.93
N CYS D 108 -13.81 37.64 -13.68
CA CYS D 108 -15.15 37.70 -13.12
C CYS D 108 -16.15 36.98 -14.01
N LYS E 2 -23.36 -25.45 -17.81
CA LYS E 2 -22.26 -26.21 -17.24
C LYS E 2 -21.35 -25.30 -16.41
N THR E 3 -20.81 -25.84 -15.31
CA THR E 3 -19.91 -25.11 -14.43
C THR E 3 -20.56 -23.83 -13.92
N ARG E 4 -21.61 -23.98 -13.13
CA ARG E 4 -22.34 -22.83 -12.61
C ARG E 4 -21.40 -21.85 -11.93
N LYS E 5 -21.51 -20.57 -12.29
CA LYS E 5 -20.65 -19.54 -11.74
C LYS E 5 -21.26 -19.01 -10.44
N GLU E 6 -20.68 -17.93 -9.91
CA GLU E 6 -21.08 -17.41 -8.62
C GLU E 6 -20.95 -15.89 -8.61
N SER E 7 -21.95 -15.21 -8.06
CA SER E 7 -21.95 -13.76 -8.01
C SER E 7 -22.86 -13.29 -6.87
N TYR E 8 -22.64 -12.05 -6.45
CA TYR E 8 -23.46 -11.40 -5.42
C TYR E 8 -24.53 -10.51 -6.04
N ALA E 9 -25.03 -10.92 -7.21
CA ALA E 9 -25.94 -10.06 -7.96
C ALA E 9 -27.29 -9.91 -7.27
N ILE E 10 -27.92 -11.03 -6.94
CA ILE E 10 -29.29 -10.98 -6.41
C ILE E 10 -29.33 -10.28 -5.07
N TYR E 11 -28.26 -10.35 -4.28
CA TYR E 11 -28.29 -9.76 -2.95
C TYR E 11 -28.25 -8.24 -3.02
N VAL E 12 -27.35 -7.68 -3.82
CA VAL E 12 -27.35 -6.23 -4.01
C VAL E 12 -28.65 -5.81 -4.69
N TYR E 13 -29.20 -6.68 -5.55
CA TYR E 13 -30.48 -6.41 -6.17
C TYR E 13 -31.57 -6.23 -5.12
N LYS E 14 -31.66 -7.18 -4.19
CA LYS E 14 -32.65 -7.10 -3.12
C LYS E 14 -32.40 -5.89 -2.24
N VAL E 15 -31.12 -5.58 -1.97
CA VAL E 15 -30.81 -4.42 -1.14
C VAL E 15 -31.31 -3.13 -1.79
N LEU E 16 -31.05 -2.97 -3.09
CA LEU E 16 -31.49 -1.74 -3.76
C LEU E 16 -33.01 -1.72 -3.89
N LYS E 17 -33.64 -2.87 -4.08
CA LYS E 17 -35.09 -2.90 -4.15
C LYS E 17 -35.73 -2.55 -2.80
N GLN E 18 -35.09 -2.92 -1.70
CA GLN E 18 -35.61 -2.62 -0.38
C GLN E 18 -35.28 -1.21 0.08
N VAL E 19 -34.32 -0.55 -0.55
CA VAL E 19 -34.06 0.87 -0.29
C VAL E 19 -34.49 1.77 -1.43
N HIS E 20 -34.71 1.25 -2.64
CA HIS E 20 -35.14 2.07 -3.78
C HIS E 20 -36.08 1.24 -4.63
N PRO E 21 -37.39 1.31 -4.37
CA PRO E 21 -38.32 0.48 -5.14
C PRO E 21 -38.43 0.85 -6.60
N ASP E 22 -38.00 2.05 -6.99
CA ASP E 22 -38.17 2.52 -8.35
C ASP E 22 -36.86 2.96 -8.97
N THR E 23 -35.82 2.13 -8.83
CA THR E 23 -34.51 2.44 -9.39
C THR E 23 -33.83 1.14 -9.79
N GLY E 24 -33.32 1.11 -11.03
CA GLY E 24 -32.61 -0.07 -11.50
C GLY E 24 -31.11 0.15 -11.53
N ILE E 25 -30.36 -0.90 -11.82
CA ILE E 25 -28.90 -0.85 -11.85
C ILE E 25 -28.41 -1.48 -13.15
N SER E 26 -27.44 -0.85 -13.79
CA SER E 26 -26.89 -1.35 -15.04
C SER E 26 -26.00 -2.55 -14.78
N SER E 27 -25.72 -3.31 -15.84
CA SER E 27 -24.93 -4.53 -15.70
C SER E 27 -23.49 -4.24 -15.29
N LYS E 28 -22.87 -3.22 -15.90
CA LYS E 28 -21.48 -2.92 -15.56
C LYS E 28 -21.36 -2.38 -14.13
N ALA E 29 -22.27 -1.51 -13.72
CA ALA E 29 -22.31 -1.09 -12.32
C ALA E 29 -22.63 -2.26 -11.42
N MET E 30 -23.36 -3.25 -11.93
CA MET E 30 -23.70 -4.43 -11.13
C MET E 30 -22.43 -5.24 -10.84
N SER E 31 -21.57 -5.41 -11.85
CA SER E 31 -20.30 -6.09 -11.63
C SER E 31 -19.37 -5.24 -10.78
N ILE E 32 -19.49 -3.91 -10.86
CA ILE E 32 -18.73 -3.04 -9.96
C ILE E 32 -19.13 -3.30 -8.51
N MET E 33 -20.44 -3.44 -8.27
CA MET E 33 -20.91 -3.78 -6.93
C MET E 33 -20.39 -5.14 -6.50
N ASN E 34 -20.39 -6.10 -7.42
CA ASN E 34 -19.85 -7.42 -7.11
C ASN E 34 -18.40 -7.34 -6.69
N SER E 35 -17.59 -6.58 -7.43
CA SER E 35 -16.18 -6.43 -7.08
C SER E 35 -16.01 -5.70 -5.75
N PHE E 36 -16.84 -4.69 -5.49
CA PHE E 36 -16.82 -4.01 -4.21
C PHE E 36 -17.05 -4.99 -3.07
N VAL E 37 -18.10 -5.79 -3.18
CA VAL E 37 -18.44 -6.74 -2.13
C VAL E 37 -17.31 -7.76 -1.95
N ASN E 38 -16.79 -8.28 -3.06
CA ASN E 38 -15.74 -9.29 -2.97
C ASN E 38 -14.47 -8.71 -2.34
N ASP E 39 -14.09 -7.49 -2.73
CA ASP E 39 -12.89 -6.87 -2.21
C ASP E 39 -13.02 -6.61 -0.71
N VAL E 40 -14.15 -6.05 -0.28
CA VAL E 40 -14.32 -5.78 1.15
C VAL E 40 -14.37 -7.09 1.93
N PHE E 41 -15.04 -8.11 1.39
CA PHE E 41 -15.10 -9.40 2.07
C PHE E 41 -13.71 -9.99 2.23
N GLU E 42 -12.90 -9.94 1.18
CA GLU E 42 -11.54 -10.46 1.26
C GLU E 42 -10.72 -9.67 2.27
N ARG E 43 -10.87 -8.35 2.28
CA ARG E 43 -10.12 -7.52 3.21
C ARG E 43 -10.47 -7.87 4.66
N ILE E 44 -11.76 -7.98 4.98
CA ILE E 44 -12.18 -8.34 6.33
C ILE E 44 -11.70 -9.73 6.69
N ALA E 45 -11.84 -10.69 5.77
CA ALA E 45 -11.43 -12.06 6.08
C ALA E 45 -9.95 -12.16 6.33
N GLY E 46 -9.13 -11.48 5.52
CA GLY E 46 -7.70 -11.47 5.74
C GLY E 46 -7.34 -10.82 7.05
N GLU E 47 -7.99 -9.70 7.39
CA GLU E 47 -7.72 -9.05 8.67
C GLU E 47 -8.07 -9.95 9.83
N ALA E 48 -9.21 -10.66 9.75
CA ALA E 48 -9.61 -11.55 10.82
C ALA E 48 -8.65 -12.72 10.97
N SER E 49 -8.22 -13.30 9.84
CA SER E 49 -7.26 -14.40 9.91
C SER E 49 -5.94 -13.94 10.51
N ARG E 50 -5.48 -12.76 10.11
CA ARG E 50 -4.24 -12.22 10.64
C ARG E 50 -4.34 -11.94 12.13
N LEU E 51 -5.49 -11.40 12.57
CA LEU E 51 -5.72 -11.18 14.00
C LEU E 51 -5.71 -12.49 14.78
N ALA E 52 -6.39 -13.50 14.24
CA ALA E 52 -6.43 -14.80 14.91
C ALA E 52 -5.05 -15.41 15.01
N HIS E 53 -4.24 -15.26 13.96
CA HIS E 53 -2.87 -15.76 14.02
C HIS E 53 -2.03 -15.01 15.03
N TYR E 54 -2.22 -13.69 15.15
CA TYR E 54 -1.50 -12.94 16.17
C TYR E 54 -1.88 -13.41 17.56
N ASN E 55 -3.17 -13.61 17.81
CA ASN E 55 -3.65 -13.98 19.13
C ASN E 55 -3.58 -15.47 19.40
N LYS E 56 -2.81 -16.21 18.59
CA LYS E 56 -2.66 -17.66 18.73
C LYS E 56 -4.01 -18.37 18.70
N ARG E 57 -4.97 -17.81 17.96
CA ARG E 57 -6.32 -18.36 17.88
C ARG E 57 -6.50 -19.07 16.55
N SER E 58 -6.99 -20.31 16.61
CA SER E 58 -7.22 -21.11 15.42
C SER E 58 -8.64 -20.98 14.88
N THR E 59 -9.45 -20.10 15.46
CA THR E 59 -10.84 -19.92 15.04
C THR E 59 -11.14 -18.44 14.88
N ILE E 60 -12.14 -18.15 14.06
CA ILE E 60 -12.61 -16.78 13.83
C ILE E 60 -14.06 -16.72 14.29
N THR E 61 -14.31 -15.91 15.32
CA THR E 61 -15.64 -15.66 15.85
C THR E 61 -16.14 -14.30 15.34
N SER E 62 -17.26 -13.84 15.89
CA SER E 62 -17.76 -12.51 15.54
C SER E 62 -16.86 -11.40 16.06
N ARG E 63 -16.04 -11.68 17.06
CA ARG E 63 -15.27 -10.63 17.71
C ARG E 63 -14.14 -10.12 16.82
N GLU E 64 -13.44 -11.03 16.13
CA GLU E 64 -12.40 -10.61 15.20
C GLU E 64 -13.01 -9.83 14.03
N ILE E 65 -14.16 -10.27 13.53
CA ILE E 65 -14.85 -9.51 12.49
C ILE E 65 -15.18 -8.11 13.00
N GLN E 66 -15.68 -8.02 14.23
CA GLN E 66 -16.03 -6.73 14.82
C GLN E 66 -14.81 -5.82 14.89
N THR E 67 -13.69 -6.36 15.37
CA THR E 67 -12.49 -5.54 15.52
C THR E 67 -11.94 -5.11 14.17
N ALA E 68 -11.99 -5.99 13.17
CA ALA E 68 -11.57 -5.60 11.83
C ALA E 68 -12.44 -4.47 11.29
N VAL E 69 -13.75 -4.54 11.55
CA VAL E 69 -14.63 -3.44 11.17
C VAL E 69 -14.24 -2.15 11.89
N ARG E 70 -13.91 -2.25 13.18
CA ARG E 70 -13.50 -1.06 13.91
C ARG E 70 -12.24 -0.44 13.32
N LEU E 71 -11.24 -1.26 13.04
CA LEU E 71 -9.92 -0.75 12.68
C LEU E 71 -9.76 -0.47 11.19
N LEU E 72 -10.68 -0.92 10.33
CA LEU E 72 -10.45 -0.80 8.90
C LEU E 72 -11.26 0.33 8.28
N LEU E 73 -12.57 0.37 8.52
CA LEU E 73 -13.37 1.49 8.04
C LEU E 73 -13.23 2.69 8.98
N PRO E 74 -13.33 3.90 8.43
CA PRO E 74 -13.11 5.10 9.25
C PRO E 74 -14.35 5.61 9.97
N GLY E 75 -14.28 5.65 11.31
CA GLY E 75 -15.24 6.38 12.12
C GLY E 75 -16.69 5.97 12.02
N GLU E 76 -17.49 6.83 11.39
CA GLU E 76 -18.94 6.63 11.39
C GLU E 76 -19.33 5.33 10.71
N LEU E 77 -18.70 5.00 9.59
CA LEU E 77 -18.99 3.74 8.94
C LEU E 77 -18.64 2.57 9.84
N ALA E 78 -17.50 2.65 10.53
CA ALA E 78 -17.11 1.56 11.42
C ALA E 78 -18.13 1.38 12.55
N LYS E 79 -18.56 2.48 13.16
CA LYS E 79 -19.49 2.37 14.28
C LYS E 79 -20.86 1.89 13.82
N HIS E 80 -21.34 2.40 12.69
CA HIS E 80 -22.63 1.93 12.18
C HIS E 80 -22.56 0.46 11.80
N ALA E 81 -21.47 0.04 11.16
CA ALA E 81 -21.35 -1.34 10.73
C ALA E 81 -21.24 -2.29 11.91
N VAL E 82 -20.49 -1.90 12.96
CA VAL E 82 -20.44 -2.76 14.13
C VAL E 82 -21.80 -2.80 14.82
N SER E 83 -22.54 -1.70 14.81
CA SER E 83 -23.89 -1.72 15.38
C SER E 83 -24.78 -2.72 14.64
N GLU E 84 -24.81 -2.63 13.31
CA GLU E 84 -25.63 -3.56 12.54
C GLU E 84 -25.17 -5.00 12.72
N GLY E 85 -23.86 -5.23 12.71
CA GLY E 85 -23.37 -6.58 12.91
C GLY E 85 -23.75 -7.14 14.26
N THR E 86 -23.65 -6.32 15.30
CA THR E 86 -24.00 -6.77 16.64
C THR E 86 -25.49 -7.10 16.73
N LYS E 87 -26.36 -6.21 16.23
CA LYS E 87 -27.78 -6.50 16.32
C LYS E 87 -28.15 -7.74 15.51
N ALA E 88 -27.52 -7.91 14.33
CA ALA E 88 -27.76 -9.10 13.54
C ALA E 88 -27.30 -10.36 14.25
N VAL E 89 -26.14 -10.32 14.89
CA VAL E 89 -25.64 -11.53 15.54
C VAL E 89 -26.48 -11.87 16.77
N THR E 90 -26.93 -10.88 17.53
CA THR E 90 -27.82 -11.17 18.64
C THR E 90 -29.16 -11.73 18.15
N LYS E 91 -29.70 -11.17 17.06
CA LYS E 91 -30.94 -11.72 16.52
C LYS E 91 -30.77 -13.15 16.03
N TYR E 92 -29.65 -13.46 15.38
CA TYR E 92 -29.40 -14.83 14.95
C TYR E 92 -29.22 -15.78 16.12
N THR E 93 -28.50 -15.34 17.16
CA THR E 93 -28.28 -16.20 18.32
C THR E 93 -29.54 -16.38 19.15
N SER E 94 -30.49 -15.45 19.07
CA SER E 94 -31.74 -15.61 19.78
C SER E 94 -32.52 -16.85 19.34
N ALA E 95 -32.57 -17.12 18.03
CA ALA E 95 -33.19 -18.35 17.52
C ALA E 95 -32.22 -18.94 16.49
N LYS E 96 -31.32 -19.78 16.98
CA LYS E 96 -30.31 -20.39 16.13
C LYS E 96 -30.85 -21.66 15.47
N LYS F 38 -12.42 42.16 -37.06
CA LYS F 38 -13.65 41.82 -37.75
C LYS F 38 -14.23 40.47 -37.27
N PRO F 39 -13.46 39.38 -37.34
CA PRO F 39 -13.99 38.08 -36.92
C PRO F 39 -14.09 37.99 -35.40
N HIS F 40 -14.92 37.05 -34.95
CA HIS F 40 -15.10 36.79 -33.53
C HIS F 40 -14.13 35.70 -33.09
N ARG F 41 -13.32 36.00 -32.08
CA ARG F 41 -12.38 35.05 -31.53
C ARG F 41 -12.51 35.04 -30.02
N TYR F 42 -12.67 33.85 -29.44
CA TYR F 42 -12.69 33.71 -27.99
C TYR F 42 -11.34 34.07 -27.42
N ARG F 43 -11.36 34.56 -26.18
CA ARG F 43 -10.12 34.92 -25.51
C ARG F 43 -9.26 33.68 -25.28
N PRO F 44 -7.94 33.85 -25.17
CA PRO F 44 -7.06 32.68 -25.02
C PRO F 44 -7.23 32.00 -23.67
N GLY F 45 -8.26 31.15 -23.57
CA GLY F 45 -8.58 30.47 -22.34
C GLY F 45 -10.06 30.28 -22.16
N THR F 46 -10.87 31.06 -22.88
CA THR F 46 -12.31 30.88 -22.84
C THR F 46 -12.70 29.48 -23.30
N VAL F 47 -12.22 29.07 -24.48
CA VAL F 47 -12.48 27.73 -24.96
C VAL F 47 -11.78 26.71 -24.08
N ALA F 48 -10.62 27.07 -23.52
CA ALA F 48 -9.96 26.17 -22.57
C ALA F 48 -10.85 25.89 -21.37
N LEU F 49 -11.41 26.95 -20.77
CA LEU F 49 -12.29 26.77 -19.63
C LEU F 49 -13.56 26.03 -20.03
N ARG F 50 -14.07 26.28 -21.23
CA ARG F 50 -15.23 25.53 -21.71
C ARG F 50 -14.91 24.05 -21.79
N GLU F 51 -13.73 23.71 -22.30
CA GLU F 51 -13.33 22.30 -22.37
C GLU F 51 -13.19 21.70 -20.98
N ILE F 52 -12.62 22.44 -20.04
CA ILE F 52 -12.48 21.92 -18.67
C ILE F 52 -13.84 21.64 -18.08
N ARG F 53 -14.75 22.62 -18.15
CA ARG F 53 -16.05 22.46 -17.52
C ARG F 53 -16.94 21.47 -18.26
N ARG F 54 -16.64 21.18 -19.53
CA ARG F 54 -17.44 20.24 -20.30
C ARG F 54 -16.94 18.81 -20.17
N TYR F 55 -15.68 18.57 -20.48
CA TYR F 55 -15.20 17.21 -20.65
C TYR F 55 -15.05 16.52 -19.30
N GLN F 56 -14.92 17.29 -18.22
CA GLN F 56 -14.84 16.72 -16.88
C GLN F 56 -16.11 15.95 -16.51
N LYS F 57 -17.28 16.40 -16.98
CA LYS F 57 -18.53 15.73 -16.64
C LYS F 57 -18.71 14.42 -17.39
N SER F 58 -17.94 14.17 -18.44
CA SER F 58 -18.07 12.96 -19.22
C SER F 58 -17.31 11.81 -18.54
N THR F 59 -17.65 10.59 -18.95
CA THR F 59 -17.09 9.40 -18.32
C THR F 59 -16.61 8.34 -19.30
N GLU F 60 -16.68 8.59 -20.61
CA GLU F 60 -16.23 7.61 -21.59
C GLU F 60 -14.70 7.56 -21.59
N LEU F 61 -14.15 6.64 -22.37
CA LEU F 61 -12.70 6.55 -22.51
C LEU F 61 -12.17 7.75 -23.28
N LEU F 62 -11.02 8.24 -22.83
CA LEU F 62 -10.42 9.46 -23.36
C LEU F 62 -9.85 9.27 -24.75
N ILE F 63 -9.12 8.18 -24.98
CA ILE F 63 -8.26 8.12 -26.14
C ILE F 63 -8.63 6.90 -26.98
N ARG F 64 -8.42 7.01 -28.31
CA ARG F 64 -8.81 5.97 -29.24
C ARG F 64 -8.24 4.60 -28.82
N LYS F 65 -8.94 3.54 -29.23
CA LYS F 65 -8.77 2.21 -28.68
C LYS F 65 -7.64 1.41 -29.33
N LEU F 66 -7.65 1.31 -30.66
CA LEU F 66 -6.60 0.59 -31.36
C LEU F 66 -5.20 1.11 -31.03
N PRO F 67 -5.01 2.41 -30.75
CA PRO F 67 -3.71 2.83 -30.21
C PRO F 67 -3.29 2.06 -28.97
N PHE F 68 -4.12 1.99 -27.92
CA PHE F 68 -3.75 1.18 -26.77
C PHE F 68 -3.62 -0.30 -27.13
N GLN F 69 -4.48 -0.80 -28.01
CA GLN F 69 -4.41 -2.21 -28.33
C GLN F 69 -3.04 -2.56 -28.92
N ARG F 70 -2.63 -1.79 -29.93
CA ARG F 70 -1.32 -2.00 -30.54
C ARG F 70 -0.19 -1.76 -29.55
N LEU F 71 -0.30 -0.71 -28.73
CA LEU F 71 0.74 -0.38 -27.77
C LEU F 71 0.91 -1.48 -26.72
N VAL F 72 -0.20 -2.00 -26.22
CA VAL F 72 -0.15 -3.07 -25.21
C VAL F 72 0.44 -4.33 -25.82
N ARG F 73 0.02 -4.68 -27.04
CA ARG F 73 0.63 -5.84 -27.69
C ARG F 73 2.13 -5.63 -27.89
N GLU F 74 2.53 -4.43 -28.29
CA GLU F 74 3.93 -4.14 -28.55
C GLU F 74 4.77 -4.27 -27.29
N ILE F 75 4.30 -3.72 -26.17
CA ILE F 75 5.03 -3.89 -24.92
C ILE F 75 5.01 -5.33 -24.42
N ALA F 76 3.87 -6.01 -24.47
CA ALA F 76 3.80 -7.40 -24.04
C ALA F 76 4.70 -8.31 -24.87
N GLN F 77 4.98 -7.94 -26.12
CA GLN F 77 5.92 -8.71 -26.93
C GLN F 77 7.31 -8.77 -26.31
N ASP F 78 7.76 -7.69 -25.68
CA ASP F 78 9.10 -7.66 -25.09
C ASP F 78 9.23 -8.66 -23.94
N PHE F 79 8.22 -8.74 -23.08
CA PHE F 79 8.31 -9.64 -21.93
C PHE F 79 8.22 -11.10 -22.36
N LYS F 80 7.31 -11.42 -23.26
CA LYS F 80 7.14 -12.81 -23.68
C LYS F 80 6.47 -12.73 -25.05
N THR F 81 6.91 -13.56 -25.98
CA THR F 81 6.28 -13.57 -27.30
C THR F 81 5.13 -14.57 -27.33
N ASP F 82 4.35 -14.50 -28.42
CA ASP F 82 3.26 -15.45 -28.67
C ASP F 82 2.28 -15.41 -27.49
N LEU F 83 1.61 -14.26 -27.39
CA LEU F 83 0.62 -14.02 -26.36
C LEU F 83 -0.77 -13.98 -26.98
N ARG F 84 -1.78 -13.93 -26.11
CA ARG F 84 -3.17 -13.95 -26.55
C ARG F 84 -3.99 -13.16 -25.55
N PHE F 85 -4.49 -12.00 -25.96
CA PHE F 85 -5.14 -11.06 -25.08
C PHE F 85 -6.66 -11.21 -25.13
N GLN F 86 -7.30 -10.97 -24.00
CA GLN F 86 -8.75 -10.88 -23.92
C GLN F 86 -9.15 -9.42 -24.03
N SER F 87 -10.30 -9.18 -24.67
CA SER F 87 -10.78 -7.82 -24.87
C SER F 87 -10.97 -7.12 -23.54
N SER F 88 -11.63 -7.79 -22.58
CA SER F 88 -11.84 -7.20 -21.27
C SER F 88 -10.52 -6.81 -20.62
N ALA F 89 -9.46 -7.59 -20.82
CA ALA F 89 -8.15 -7.22 -20.29
C ALA F 89 -7.67 -5.90 -20.89
N VAL F 90 -7.86 -5.72 -22.20
CA VAL F 90 -7.40 -4.50 -22.85
C VAL F 90 -8.21 -3.30 -22.38
N MET F 91 -9.53 -3.46 -22.25
CA MET F 91 -10.35 -2.39 -21.66
C MET F 91 -9.89 -2.05 -20.25
N ALA F 92 -9.58 -3.06 -19.45
CA ALA F 92 -9.12 -2.79 -18.09
C ALA F 92 -7.81 -2.05 -18.08
N LEU F 93 -6.86 -2.45 -18.93
CA LEU F 93 -5.58 -1.75 -19.01
C LEU F 93 -5.78 -0.30 -19.42
N GLN F 94 -6.62 -0.06 -20.43
CA GLN F 94 -6.85 1.30 -20.90
C GLN F 94 -7.48 2.16 -19.82
N GLU F 95 -8.50 1.63 -19.13
CA GLU F 95 -9.15 2.40 -18.07
C GLU F 95 -8.19 2.69 -16.92
N ALA F 96 -7.37 1.69 -16.55
CA ALA F 96 -6.40 1.90 -15.48
C ALA F 96 -5.40 2.99 -15.84
N SER F 97 -4.84 2.93 -17.04
CA SER F 97 -3.91 3.96 -17.47
C SER F 97 -4.59 5.32 -17.53
N GLU F 98 -5.82 5.36 -18.03
CA GLU F 98 -6.53 6.64 -18.12
C GLU F 98 -6.70 7.25 -16.73
N ALA F 99 -7.14 6.46 -15.75
CA ALA F 99 -7.30 6.96 -14.40
C ALA F 99 -5.96 7.39 -13.80
N TYR F 100 -4.91 6.60 -14.05
CA TYR F 100 -3.59 6.95 -13.51
C TYR F 100 -3.16 8.31 -14.00
N LEU F 101 -3.27 8.56 -15.31
CA LEU F 101 -2.83 9.86 -15.83
C LEU F 101 -3.81 10.98 -15.48
N VAL F 102 -5.09 10.70 -15.29
CA VAL F 102 -5.97 11.75 -14.78
C VAL F 102 -5.54 12.19 -13.39
N GLY F 103 -5.26 11.23 -12.51
CA GLY F 103 -4.75 11.58 -11.19
C GLY F 103 -3.42 12.30 -11.26
N LEU F 104 -2.53 11.83 -12.14
CA LEU F 104 -1.22 12.47 -12.27
C LEU F 104 -1.37 13.91 -12.72
N PHE F 105 -2.22 14.17 -13.71
CA PHE F 105 -2.39 15.54 -14.18
C PHE F 105 -3.08 16.40 -13.14
N GLU F 106 -3.93 15.80 -12.30
CA GLU F 106 -4.42 16.52 -11.13
C GLU F 106 -3.27 16.97 -10.25
N ASP F 107 -2.35 16.06 -9.93
CA ASP F 107 -1.23 16.43 -9.06
C ASP F 107 -0.35 17.49 -9.69
N THR F 108 -0.05 17.37 -10.99
CA THR F 108 0.82 18.35 -11.64
C THR F 108 0.12 19.70 -11.77
N ASN F 109 -1.19 19.71 -12.03
CA ASN F 109 -1.91 20.97 -12.05
C ASN F 109 -1.88 21.63 -10.68
N LEU F 110 -2.00 20.84 -9.62
CA LEU F 110 -1.92 21.39 -8.27
C LEU F 110 -0.53 21.95 -7.99
N CYS F 111 0.52 21.23 -8.39
CA CYS F 111 1.87 21.72 -8.20
C CYS F 111 2.11 23.00 -8.97
N ALA F 112 1.63 23.07 -10.22
CA ALA F 112 1.78 24.27 -11.02
C ALA F 112 1.05 25.45 -10.41
N ILE F 113 -0.18 25.23 -9.95
CA ILE F 113 -0.93 26.31 -9.32
C ILE F 113 -0.28 26.73 -8.01
N HIS F 114 0.47 25.83 -7.37
CA HIS F 114 1.27 26.22 -6.21
C HIS F 114 2.49 27.02 -6.60
N ALA F 115 3.05 26.76 -7.78
CA ALA F 115 4.23 27.47 -8.26
C ALA F 115 3.89 28.85 -8.82
N LYS F 116 2.70 29.36 -8.53
CA LYS F 116 2.27 30.69 -8.99
C LYS F 116 2.27 30.78 -10.51
N ARG F 117 1.64 29.78 -11.14
CA ARG F 117 1.56 29.72 -12.58
C ARG F 117 0.35 28.88 -12.96
N VAL F 118 -0.06 29.01 -14.23
CA VAL F 118 -1.20 28.25 -14.73
C VAL F 118 -0.78 27.09 -15.65
N THR F 119 0.25 27.26 -16.47
CA THR F 119 0.75 26.20 -17.33
C THR F 119 1.39 25.11 -16.49
N ILE F 120 1.69 23.98 -17.12
CA ILE F 120 2.38 22.88 -16.46
C ILE F 120 3.65 22.56 -17.23
N MET F 121 4.64 22.07 -16.50
CA MET F 121 6.01 21.86 -16.98
C MET F 121 6.47 20.46 -16.59
N PRO F 122 7.56 19.99 -17.19
CA PRO F 122 8.07 18.66 -16.83
C PRO F 122 8.38 18.49 -15.35
N LYS F 123 8.91 19.53 -14.69
CA LYS F 123 9.28 19.39 -13.30
C LYS F 123 8.07 19.11 -12.41
N ASP F 124 6.89 19.55 -12.82
CA ASP F 124 5.68 19.21 -12.07
C ASP F 124 5.45 17.70 -12.08
N ILE F 125 5.56 17.08 -13.26
CA ILE F 125 5.37 15.63 -13.36
C ILE F 125 6.45 14.91 -12.56
N GLN F 126 7.69 15.38 -12.67
CA GLN F 126 8.79 14.75 -11.95
C GLN F 126 8.56 14.83 -10.44
N LEU F 127 8.16 16.00 -9.94
CA LEU F 127 7.89 16.18 -8.52
C LEU F 127 6.75 15.29 -8.06
N ALA F 128 5.66 15.24 -8.85
CA ALA F 128 4.51 14.43 -8.46
C ALA F 128 4.87 12.95 -8.40
N ARG F 129 5.66 12.46 -9.36
CA ARG F 129 6.07 11.07 -9.31
C ARG F 129 7.08 10.81 -8.20
N ARG F 130 7.89 11.80 -7.84
CA ARG F 130 8.84 11.63 -6.75
C ARG F 130 8.11 11.50 -5.41
N ILE F 131 7.17 12.40 -5.13
CA ILE F 131 6.46 12.34 -3.86
C ILE F 131 5.58 11.10 -3.80
N ARG F 132 4.96 10.72 -4.92
CA ARG F 132 4.10 9.54 -4.92
C ARG F 132 4.89 8.28 -4.57
N GLY F 133 6.09 8.13 -5.11
CA GLY F 133 7.00 7.09 -4.66
C GLY F 133 7.29 5.98 -5.64
N GLU F 134 6.80 6.05 -6.89
CA GLU F 134 7.12 5.01 -7.85
C GLU F 134 8.59 5.03 -8.25
N ARG F 135 9.19 6.21 -8.37
CA ARG F 135 10.58 6.33 -8.76
C ARG F 135 11.54 6.32 -7.58
N ALA F 136 11.08 6.63 -6.38
CA ALA F 136 11.93 6.67 -5.21
C ALA F 136 12.32 5.25 -4.76
N LYS G 17 3.73 -14.62 -44.06
CA LYS G 17 3.03 -13.58 -43.32
C LYS G 17 1.90 -14.18 -42.48
N ARG G 18 2.24 -15.18 -41.67
CA ARG G 18 1.28 -15.85 -40.82
C ARG G 18 1.30 -15.34 -39.38
N HIS G 19 2.48 -15.07 -38.85
CA HIS G 19 2.62 -14.58 -37.47
C HIS G 19 3.86 -13.70 -37.41
N ARG G 20 4.31 -13.41 -36.19
CA ARG G 20 5.50 -12.60 -35.94
C ARG G 20 5.36 -11.20 -36.55
N LYS G 21 4.36 -10.48 -36.06
CA LYS G 21 4.10 -9.10 -36.48
C LYS G 21 4.71 -8.16 -35.44
N VAL G 22 6.02 -7.94 -35.57
CA VAL G 22 6.75 -7.08 -34.65
C VAL G 22 6.37 -5.63 -34.94
N LEU G 23 5.96 -4.91 -33.89
CA LEU G 23 5.53 -3.52 -34.01
C LEU G 23 6.52 -2.61 -33.32
N ARG G 24 6.68 -1.41 -33.88
CA ARG G 24 7.57 -0.40 -33.32
C ARG G 24 6.98 0.98 -33.58
N ASP G 25 7.42 1.95 -32.77
CA ASP G 25 6.95 3.33 -32.87
C ASP G 25 5.42 3.34 -32.75
N ASN G 26 4.93 2.97 -31.58
CA ASN G 26 3.50 3.01 -31.31
C ASN G 26 3.16 3.93 -30.14
N ILE G 27 4.15 4.33 -29.34
CA ILE G 27 3.90 5.24 -28.23
C ILE G 27 3.48 6.61 -28.74
N GLN G 28 4.04 7.03 -29.86
CA GLN G 28 3.68 8.32 -30.45
C GLN G 28 2.21 8.41 -30.81
N GLY G 29 1.53 7.26 -30.99
CA GLY G 29 0.14 7.28 -31.41
C GLY G 29 -0.77 8.07 -30.50
N ILE G 30 -0.38 8.24 -29.23
CA ILE G 30 -1.10 9.16 -28.36
C ILE G 30 -0.81 10.58 -28.82
N THR G 31 -1.80 11.20 -29.46
CA THR G 31 -1.62 12.51 -30.08
C THR G 31 -1.55 13.60 -29.03
N LYS G 32 -1.07 14.77 -29.45
CA LYS G 32 -1.07 15.94 -28.55
C LYS G 32 -2.48 16.38 -28.20
N PRO G 33 -3.43 16.49 -29.13
CA PRO G 33 -4.81 16.61 -28.75
C PRO G 33 -5.25 15.63 -27.67
N ALA G 34 -4.77 14.38 -27.74
CA ALA G 34 -5.18 13.36 -26.78
C ALA G 34 -4.72 13.70 -25.38
N ILE G 35 -3.45 14.08 -25.22
CA ILE G 35 -2.95 14.52 -23.92
C ILE G 35 -3.65 15.79 -23.47
N ARG G 36 -3.98 16.68 -24.42
CA ARG G 36 -4.70 17.89 -24.07
C ARG G 36 -6.05 17.56 -23.46
N ARG G 37 -6.79 16.62 -24.07
CA ARG G 37 -8.07 16.21 -23.51
C ARG G 37 -7.90 15.52 -22.17
N LEU G 38 -6.87 14.67 -22.06
CA LEU G 38 -6.61 13.98 -20.79
C LEU G 38 -6.33 14.97 -19.66
N ALA G 39 -5.57 16.02 -19.95
CA ALA G 39 -5.26 17.01 -18.93
C ALA G 39 -6.45 17.92 -18.65
N ARG G 40 -7.28 18.19 -19.67
CA ARG G 40 -8.51 18.92 -19.43
C ARG G 40 -9.43 18.15 -18.49
N ARG G 41 -9.50 16.83 -18.65
CA ARG G 41 -10.15 15.99 -17.66
C ARG G 41 -9.46 16.10 -16.31
N GLY G 42 -8.12 16.12 -16.32
CA GLY G 42 -7.39 16.35 -15.09
C GLY G 42 -7.61 17.75 -14.54
N GLY G 43 -8.01 18.68 -15.41
CA GLY G 43 -8.40 20.00 -14.96
C GLY G 43 -7.33 21.06 -15.05
N VAL G 44 -6.64 21.13 -16.18
CA VAL G 44 -5.61 22.14 -16.40
C VAL G 44 -6.18 23.22 -17.30
N LYS G 45 -5.63 24.43 -17.17
CA LYS G 45 -6.00 25.52 -18.05
C LYS G 45 -5.09 25.65 -19.26
N ARG G 46 -3.80 25.38 -19.08
CA ARG G 46 -2.83 25.49 -20.16
C ARG G 46 -1.96 24.25 -20.17
N ILE G 47 -1.02 24.22 -21.12
CA ILE G 47 -0.15 23.08 -21.34
C ILE G 47 1.19 23.60 -21.86
N SER G 48 2.16 22.69 -21.97
CA SER G 48 3.44 23.00 -22.57
C SER G 48 3.74 21.98 -23.66
N GLY G 49 4.64 22.35 -24.57
CA GLY G 49 5.05 21.41 -25.61
C GLY G 49 6.12 20.45 -25.12
N LEU G 50 6.13 20.19 -23.81
CA LEU G 50 7.22 19.41 -23.23
C LEU G 50 6.73 18.22 -22.42
N ILE G 51 5.44 18.21 -22.04
CA ILE G 51 4.93 17.05 -21.31
C ILE G 51 4.77 15.84 -22.23
N TYR G 52 4.39 16.07 -23.49
CA TYR G 52 3.93 15.00 -24.36
C TYR G 52 4.89 13.82 -24.46
N GLU G 53 6.15 13.99 -24.05
CA GLU G 53 7.07 12.86 -24.05
C GLU G 53 7.20 12.20 -22.68
N GLU G 54 7.23 12.99 -21.60
CA GLU G 54 7.31 12.35 -20.28
C GLU G 54 6.01 11.66 -19.90
N THR G 55 4.85 12.17 -20.36
CA THR G 55 3.62 11.44 -20.09
C THR G 55 3.60 10.12 -20.85
N ARG G 56 4.16 10.11 -22.05
CA ARG G 56 4.33 8.85 -22.77
C ARG G 56 5.28 7.93 -22.03
N GLY G 57 6.34 8.49 -21.45
CA GLY G 57 7.28 7.67 -20.68
C GLY G 57 6.64 7.07 -19.44
N VAL G 58 5.85 7.86 -18.71
CA VAL G 58 5.19 7.30 -17.55
C VAL G 58 4.15 6.28 -17.99
N LEU G 59 3.52 6.49 -19.14
CA LEU G 59 2.69 5.46 -19.73
C LEU G 59 3.47 4.16 -19.89
N LYS G 60 4.58 4.18 -20.62
CA LYS G 60 5.29 2.94 -20.87
C LYS G 60 5.73 2.30 -19.57
N VAL G 61 6.21 3.11 -18.61
CA VAL G 61 6.67 2.50 -17.37
C VAL G 61 5.51 1.81 -16.67
N PHE G 62 4.35 2.46 -16.61
CA PHE G 62 3.18 1.86 -15.99
C PHE G 62 2.82 0.54 -16.65
N LEU G 63 2.73 0.53 -17.99
CA LEU G 63 2.36 -0.72 -18.64
C LEU G 63 3.39 -1.83 -18.43
N GLU G 64 4.69 -1.53 -18.44
CA GLU G 64 5.58 -2.67 -18.21
C GLU G 64 5.37 -3.22 -16.82
N ASN G 65 5.14 -2.36 -15.81
CA ASN G 65 4.85 -2.97 -14.50
C ASN G 65 3.58 -3.81 -14.54
N VAL G 66 2.52 -3.35 -15.21
CA VAL G 66 1.29 -4.13 -15.19
C VAL G 66 1.43 -5.44 -15.95
N ILE G 67 1.78 -5.39 -17.24
CA ILE G 67 1.79 -6.64 -18.00
C ILE G 67 2.95 -7.55 -17.61
N ARG G 68 4.03 -7.03 -17.00
CA ARG G 68 5.03 -7.95 -16.47
C ARG G 68 4.39 -8.90 -15.46
N ASP G 69 3.65 -8.33 -14.51
CA ASP G 69 2.97 -9.14 -13.51
C ASP G 69 1.89 -9.99 -14.16
N ALA G 70 1.20 -9.44 -15.16
CA ALA G 70 0.13 -10.19 -15.83
C ALA G 70 0.67 -11.44 -16.52
N VAL G 71 1.77 -11.31 -17.26
CA VAL G 71 2.35 -12.48 -17.92
C VAL G 71 2.97 -13.43 -16.91
N THR G 72 3.49 -12.94 -15.78
CA THR G 72 3.92 -13.91 -14.77
C THR G 72 2.74 -14.71 -14.26
N TYR G 73 1.61 -14.06 -14.01
CA TYR G 73 0.39 -14.78 -13.63
C TYR G 73 0.03 -15.82 -14.69
N THR G 74 -0.01 -15.40 -15.96
CA THR G 74 -0.40 -16.29 -17.04
C THR G 74 0.55 -17.48 -17.17
N GLU G 75 1.85 -17.24 -17.06
CA GLU G 75 2.82 -18.33 -17.12
C GLU G 75 2.66 -19.28 -15.95
N HIS G 76 2.34 -18.75 -14.76
CA HIS G 76 2.04 -19.62 -13.64
C HIS G 76 0.79 -20.46 -13.91
N ALA G 77 -0.16 -19.91 -14.67
CA ALA G 77 -1.40 -20.61 -14.95
C ALA G 77 -1.26 -21.68 -16.02
N LYS G 78 -0.05 -21.89 -16.57
CA LYS G 78 0.19 -22.88 -17.62
C LYS G 78 -0.70 -22.61 -18.83
N ARG G 79 -0.91 -21.33 -19.14
CA ARG G 79 -1.74 -20.95 -20.27
C ARG G 79 -1.13 -19.72 -20.92
N LYS G 80 -1.55 -19.48 -22.17
CA LYS G 80 -1.05 -18.36 -22.96
C LYS G 80 -2.02 -17.19 -23.02
N THR G 81 -3.32 -17.46 -22.93
CA THR G 81 -4.31 -16.38 -23.01
C THR G 81 -4.31 -15.57 -21.71
N VAL G 82 -4.21 -14.25 -21.86
CA VAL G 82 -4.23 -13.34 -20.72
C VAL G 82 -5.65 -12.85 -20.53
N THR G 83 -6.33 -13.35 -19.51
CA THR G 83 -7.69 -12.92 -19.21
C THR G 83 -7.67 -11.60 -18.46
N ALA G 84 -8.83 -10.95 -18.40
CA ALA G 84 -8.97 -9.74 -17.59
C ALA G 84 -8.70 -10.01 -16.12
N MET G 85 -8.87 -11.28 -15.70
CA MET G 85 -8.52 -11.65 -14.33
C MET G 85 -7.07 -11.27 -14.03
N ASP G 86 -6.15 -11.63 -14.93
CA ASP G 86 -4.73 -11.37 -14.69
C ASP G 86 -4.43 -9.88 -14.59
N VAL G 87 -5.00 -9.08 -15.49
CA VAL G 87 -4.69 -7.65 -15.45
C VAL G 87 -5.27 -6.98 -14.22
N VAL G 88 -6.54 -7.23 -13.90
CA VAL G 88 -7.11 -6.62 -12.70
C VAL G 88 -6.39 -7.16 -11.46
N TYR G 89 -5.87 -8.38 -11.55
CA TYR G 89 -5.27 -9.05 -10.41
C TYR G 89 -3.91 -8.44 -10.09
N ALA G 90 -3.09 -8.23 -11.13
CA ALA G 90 -1.83 -7.52 -10.97
C ALA G 90 -2.07 -6.07 -10.58
N LEU G 91 -3.14 -5.47 -11.08
CA LEU G 91 -3.48 -4.10 -10.70
C LEU G 91 -3.78 -4.00 -9.22
N LYS G 92 -4.53 -4.97 -8.68
CA LYS G 92 -4.74 -5.03 -7.24
C LYS G 92 -3.44 -5.28 -6.51
N ARG G 93 -2.54 -6.07 -7.11
CA ARG G 93 -1.22 -6.25 -6.51
C ARG G 93 -0.46 -4.94 -6.38
N GLN G 94 -0.49 -4.09 -7.41
CA GLN G 94 0.23 -2.83 -7.38
C GLN G 94 -0.39 -1.80 -6.45
N GLY G 95 -1.41 -2.18 -5.68
CA GLY G 95 -2.08 -1.23 -4.81
C GLY G 95 -2.98 -0.24 -5.51
N ARG G 96 -3.43 -0.56 -6.73
CA ARG G 96 -4.27 0.32 -7.52
C ARG G 96 -5.46 -0.49 -8.06
N THR G 97 -6.13 -1.20 -7.15
CA THR G 97 -7.17 -2.14 -7.51
C THR G 97 -8.25 -1.48 -8.35
N LEU G 98 -8.77 -2.23 -9.32
CA LEU G 98 -9.74 -1.76 -10.29
C LEU G 98 -11.07 -2.48 -10.08
N TYR G 99 -12.16 -1.73 -10.14
CA TYR G 99 -13.50 -2.29 -10.03
C TYR G 99 -14.17 -2.37 -11.40
N GLY G 100 -14.94 -3.43 -11.60
CA GLY G 100 -15.74 -3.57 -12.79
C GLY G 100 -15.22 -4.54 -13.83
N PHE G 101 -14.36 -5.47 -13.46
CA PHE G 101 -13.86 -6.46 -14.39
C PHE G 101 -13.82 -7.84 -13.72
N GLY G 102 -14.87 -8.17 -12.98
CA GLY G 102 -14.94 -9.46 -12.34
C GLY G 102 -14.11 -9.61 -11.08
N GLY G 103 -13.64 -8.49 -10.52
CA GLY G 103 -12.83 -8.53 -9.32
C GLY G 103 -13.56 -9.10 -8.12
N ALA H 1 16.86 -46.27 11.83
CA ALA H 1 18.26 -46.12 11.43
C ALA H 1 18.75 -44.70 11.71
N LYS H 2 19.95 -44.39 11.21
CA LYS H 2 20.54 -43.08 11.45
C LYS H 2 19.75 -41.99 10.74
N ALA H 3 19.53 -40.87 11.44
CA ALA H 3 18.80 -39.75 10.91
C ALA H 3 19.74 -38.61 10.55
N LYS H 4 19.28 -37.74 9.65
CA LYS H 4 20.04 -36.59 9.21
C LYS H 4 19.08 -35.47 8.82
N THR H 5 19.48 -34.23 9.13
CA THR H 5 18.61 -33.10 8.88
C THR H 5 18.42 -32.88 7.37
N ARG H 6 17.24 -32.37 7.01
CA ARG H 6 16.94 -32.07 5.63
C ARG H 6 17.73 -30.89 5.09
N SER H 7 18.20 -30.01 5.98
CA SER H 7 19.02 -28.89 5.53
C SER H 7 20.37 -29.36 5.02
N SER H 8 20.92 -30.42 5.59
CA SER H 8 22.17 -30.97 5.11
C SER H 8 22.02 -31.53 3.69
N ARG H 9 20.93 -32.26 3.43
CA ARG H 9 20.72 -32.82 2.11
C ARG H 9 20.19 -31.79 1.12
N ALA H 10 19.69 -30.66 1.60
CA ALA H 10 19.23 -29.59 0.72
C ALA H 10 20.31 -28.58 0.38
N GLY H 11 21.51 -28.72 0.95
CA GLY H 11 22.59 -27.81 0.66
C GLY H 11 22.41 -26.41 1.19
N LEU H 12 21.50 -26.22 2.15
CA LEU H 12 21.25 -24.92 2.73
C LEU H 12 21.45 -24.97 4.23
N GLN H 13 22.10 -23.93 4.77
CA GLN H 13 22.24 -23.82 6.21
C GLN H 13 20.94 -23.38 6.88
N PHE H 14 20.05 -22.73 6.14
CA PHE H 14 18.73 -22.41 6.65
C PHE H 14 17.93 -23.70 6.89
N PRO H 15 17.02 -23.69 7.87
CA PRO H 15 16.27 -24.92 8.17
C PRO H 15 15.30 -25.28 7.05
N VAL H 16 14.98 -26.57 6.99
CA VAL H 16 13.97 -27.09 6.10
C VAL H 16 12.73 -27.53 6.87
N GLY H 17 12.94 -28.30 7.94
CA GLY H 17 11.81 -28.71 8.77
C GLY H 17 11.09 -27.52 9.39
N ARG H 18 11.85 -26.50 9.80
CA ARG H 18 11.22 -25.33 10.40
C ARG H 18 10.32 -24.61 9.42
N VAL H 19 10.79 -24.39 8.18
CA VAL H 19 9.96 -23.71 7.19
C VAL H 19 8.78 -24.60 6.80
N HIS H 20 8.99 -25.92 6.77
CA HIS H 20 7.89 -26.83 6.50
C HIS H 20 6.79 -26.69 7.56
N ARG H 21 7.19 -26.67 8.83
CA ARG H 21 6.21 -26.50 9.90
C ARG H 21 5.54 -25.13 9.85
N LEU H 22 6.32 -24.09 9.53
CA LEU H 22 5.76 -22.74 9.44
C LEU H 22 4.73 -22.66 8.32
N LEU H 23 5.01 -23.26 7.17
CA LEU H 23 4.04 -23.32 6.09
C LEU H 23 2.81 -24.13 6.51
N ARG H 24 3.03 -25.23 7.24
CA ARG H 24 1.92 -26.08 7.65
C ARG H 24 0.97 -25.34 8.57
N LYS H 25 1.51 -24.68 9.59
CA LYS H 25 0.71 -24.07 10.65
C LYS H 25 0.41 -22.60 10.38
N GLY H 26 0.88 -22.05 9.27
CA GLY H 26 0.67 -20.66 8.94
C GLY H 26 -0.62 -20.35 8.24
N ASN H 27 -1.46 -21.35 7.99
CA ASN H 27 -2.78 -21.15 7.38
C ASN H 27 -2.64 -20.48 6.02
N TYR H 28 -1.75 -21.03 5.18
CA TYR H 28 -1.61 -20.51 3.82
C TYR H 28 -2.38 -21.39 2.85
N ALA H 29 -2.09 -22.68 2.82
CA ALA H 29 -2.75 -23.60 1.91
C ALA H 29 -3.12 -24.87 2.67
N GLU H 30 -4.06 -25.62 2.11
CA GLU H 30 -4.46 -26.89 2.71
C GLU H 30 -3.28 -27.85 2.77
N ARG H 31 -2.50 -27.92 1.71
CA ARG H 31 -1.29 -28.72 1.66
C ARG H 31 -0.17 -27.91 1.04
N VAL H 32 1.07 -28.32 1.32
CA VAL H 32 2.24 -27.78 0.67
C VAL H 32 3.12 -28.94 0.22
N GLY H 33 3.92 -28.70 -0.81
CA GLY H 33 4.78 -29.72 -1.38
C GLY H 33 6.01 -29.98 -0.53
N ALA H 34 6.79 -30.96 -0.96
CA ALA H 34 8.04 -31.29 -0.29
C ALA H 34 9.16 -30.34 -0.66
N GLY H 35 9.24 -29.94 -1.94
CA GLY H 35 10.28 -29.02 -2.36
C GLY H 35 9.97 -27.56 -2.13
N ALA H 36 8.71 -27.24 -1.81
CA ALA H 36 8.37 -25.84 -1.53
C ALA H 36 9.12 -25.28 -0.34
N PRO H 37 9.18 -25.95 0.82
CA PRO H 37 10.00 -25.41 1.91
C PRO H 37 11.47 -25.30 1.55
N VAL H 38 12.01 -26.23 0.76
CA VAL H 38 13.40 -26.15 0.35
C VAL H 38 13.63 -24.90 -0.50
N TYR H 39 12.73 -24.64 -1.46
CA TYR H 39 12.85 -23.45 -2.28
C TYR H 39 12.75 -22.19 -1.44
N LEU H 40 11.80 -22.15 -0.50
CA LEU H 40 11.64 -20.96 0.32
C LEU H 40 12.86 -20.73 1.21
N ALA H 41 13.41 -21.81 1.78
CA ALA H 41 14.63 -21.68 2.57
C ALA H 41 15.77 -21.16 1.72
N ALA H 42 15.89 -21.65 0.47
CA ALA H 42 16.97 -21.20 -0.40
C ALA H 42 16.84 -19.71 -0.71
N VAL H 43 15.64 -19.26 -1.06
CA VAL H 43 15.48 -17.85 -1.41
C VAL H 43 15.69 -16.96 -0.18
N LEU H 44 15.21 -17.40 0.98
CA LEU H 44 15.47 -16.65 2.20
C LEU H 44 16.96 -16.59 2.50
N GLU H 45 17.68 -17.71 2.31
CA GLU H 45 19.12 -17.72 2.55
C GLU H 45 19.83 -16.75 1.62
N TYR H 46 19.43 -16.73 0.35
CA TYR H 46 20.04 -15.80 -0.59
C TYR H 46 19.79 -14.36 -0.16
N LEU H 47 18.56 -14.05 0.24
CA LEU H 47 18.24 -12.69 0.66
C LEU H 47 19.07 -12.26 1.87
N THR H 48 19.13 -13.13 2.89
CA THR H 48 19.91 -12.79 4.07
C THR H 48 21.39 -12.66 3.74
N ALA H 49 21.93 -13.55 2.90
CA ALA H 49 23.34 -13.46 2.54
C ALA H 49 23.64 -12.15 1.81
N GLU H 50 22.78 -11.77 0.87
CA GLU H 50 23.00 -10.53 0.13
C GLU H 50 22.95 -9.33 1.05
N ILE H 51 21.91 -9.24 1.88
CA ILE H 51 21.79 -8.06 2.75
C ILE H 51 22.91 -8.03 3.78
N LEU H 52 23.34 -9.20 4.27
CA LEU H 52 24.41 -9.26 5.25
C LEU H 52 25.74 -8.83 4.64
N GLU H 53 26.02 -9.26 3.42
CA GLU H 53 27.24 -8.81 2.75
C GLU H 53 27.21 -7.31 2.51
N LEU H 54 26.07 -6.79 2.06
CA LEU H 54 25.95 -5.35 1.83
C LEU H 54 26.13 -4.56 3.11
N ALA H 55 25.64 -5.10 4.24
CA ALA H 55 25.80 -4.41 5.51
C ALA H 55 27.23 -4.52 6.05
N GLY H 56 27.85 -5.69 5.87
CA GLY H 56 29.23 -5.86 6.33
C GLY H 56 30.22 -5.00 5.57
N ASN H 57 29.97 -4.78 4.28
CA ASN H 57 30.82 -3.86 3.53
C ASN H 57 30.75 -2.45 4.12
N ALA H 58 29.54 -1.98 4.44
CA ALA H 58 29.42 -0.68 5.08
C ALA H 58 30.03 -0.68 6.48
N ALA H 59 29.97 -1.82 7.17
CA ALA H 59 30.60 -1.92 8.49
C ALA H 59 32.10 -1.75 8.39
N ARG H 60 32.74 -2.44 7.43
CA ARG H 60 34.16 -2.25 7.20
C ARG H 60 34.46 -0.83 6.74
N ASP H 61 33.54 -0.20 6.01
CA ASP H 61 33.69 1.19 5.64
C ASP H 61 33.75 2.07 6.89
N ASN H 62 32.86 1.83 7.84
CA ASN H 62 32.84 2.57 9.10
C ASN H 62 33.78 1.97 10.15
N LYS H 63 34.71 1.11 9.73
CA LYS H 63 35.69 0.48 10.61
C LYS H 63 35.05 -0.10 11.87
N LYS H 64 34.05 -0.96 11.67
CA LYS H 64 33.41 -1.70 12.76
C LYS H 64 33.36 -3.17 12.38
N THR H 65 33.78 -4.03 13.30
CA THR H 65 33.72 -5.47 13.08
C THR H 65 32.36 -6.06 13.45
N ARG H 66 31.43 -5.24 13.94
CA ARG H 66 30.11 -5.69 14.32
C ARG H 66 29.06 -4.92 13.53
N ILE H 67 28.05 -5.63 13.04
CA ILE H 67 27.02 -5.02 12.21
C ILE H 67 26.02 -4.28 13.10
N ILE H 68 25.85 -3.00 12.86
CA ILE H 68 24.91 -2.17 13.62
C ILE H 68 23.72 -1.89 12.71
N PRO H 69 22.51 -1.74 13.25
CA PRO H 69 21.36 -1.43 12.39
C PRO H 69 21.55 -0.22 11.48
N ARG H 70 22.40 0.73 11.85
CA ARG H 70 22.72 1.82 10.93
C ARG H 70 23.37 1.28 9.66
N HIS H 71 24.25 0.28 9.81
CA HIS H 71 24.85 -0.34 8.64
C HIS H 71 23.79 -1.03 7.78
N LEU H 72 22.81 -1.67 8.41
CA LEU H 72 21.73 -2.29 7.66
C LEU H 72 20.93 -1.26 6.88
N GLN H 73 20.62 -0.12 7.51
CA GLN H 73 19.91 0.94 6.80
C GLN H 73 20.73 1.49 5.65
N LEU H 74 22.03 1.68 5.86
CA LEU H 74 22.88 2.19 4.79
C LEU H 74 22.92 1.21 3.62
N ALA H 75 23.04 -0.08 3.91
CA ALA H 75 23.05 -1.08 2.85
C ALA H 75 21.71 -1.14 2.12
N VAL H 76 20.61 -1.04 2.85
CA VAL H 76 19.29 -1.12 2.22
C VAL H 76 19.05 0.09 1.32
N ARG H 77 19.31 1.30 1.83
CA ARG H 77 19.02 2.51 1.06
C ARG H 77 20.04 2.77 -0.05
N ASN H 78 21.27 2.28 0.10
CA ASN H 78 22.28 2.53 -0.93
C ASN H 78 21.97 1.76 -2.21
N ASP H 79 21.66 0.47 -2.09
CA ASP H 79 21.32 -0.33 -3.25
C ASP H 79 19.95 0.08 -3.78
N GLU H 80 19.91 0.55 -5.03
CA GLU H 80 18.68 1.09 -5.59
C GLU H 80 17.60 0.01 -5.67
N GLU H 81 17.96 -1.20 -6.11
CA GLU H 81 16.97 -2.26 -6.22
C GLU H 81 16.49 -2.71 -4.84
N LEU H 82 17.42 -2.84 -3.87
CA LEU H 82 17.02 -3.16 -2.51
C LEU H 82 16.17 -2.06 -1.90
N ASN H 83 16.50 -0.80 -2.20
CA ASN H 83 15.65 0.31 -1.75
C ASN H 83 14.25 0.20 -2.32
N LYS H 84 14.15 -0.18 -3.60
CA LYS H 84 12.83 -0.38 -4.21
C LYS H 84 12.07 -1.51 -3.53
N LEU H 85 12.77 -2.61 -3.21
CA LEU H 85 12.11 -3.72 -2.53
C LEU H 85 11.61 -3.31 -1.15
N LEU H 86 12.48 -2.73 -0.33
CA LEU H 86 12.08 -2.24 0.98
C LEU H 86 11.84 -0.74 0.93
N GLY H 87 10.85 -0.32 0.15
CA GLY H 87 10.56 1.10 0.06
C GLY H 87 9.73 1.61 1.23
N ARG H 88 8.63 0.92 1.52
CA ARG H 88 7.76 1.26 2.64
C ARG H 88 8.14 0.50 3.89
N VAL H 89 9.41 0.58 4.29
CA VAL H 89 9.92 -0.10 5.47
C VAL H 89 10.64 0.93 6.33
N THR H 90 10.31 0.95 7.62
CA THR H 90 11.00 1.80 8.59
C THR H 90 11.95 0.93 9.40
N ILE H 91 13.21 1.36 9.48
CA ILE H 91 14.25 0.55 10.09
C ILE H 91 14.43 1.00 11.53
N ALA H 92 14.94 0.11 12.38
CA ALA H 92 15.23 0.48 13.76
C ALA H 92 16.65 1.01 13.88
N GLN H 93 16.78 2.20 14.47
CA GLN H 93 18.09 2.80 14.76
C GLN H 93 18.96 2.90 13.51
N GLY H 94 18.37 3.35 12.41
CA GLY H 94 19.09 3.39 11.16
C GLY H 94 19.35 4.78 10.61
N GLY H 95 18.48 5.73 10.92
CA GLY H 95 18.64 7.07 10.39
C GLY H 95 18.30 7.15 8.92
N VAL H 96 18.88 8.12 8.21
CA VAL H 96 18.57 8.34 6.80
C VAL H 96 19.89 8.46 6.04
N LEU H 97 19.82 8.27 4.73
CA LEU H 97 21.00 8.43 3.89
C LEU H 97 21.37 9.90 3.81
N PRO H 98 22.64 10.27 3.99
CA PRO H 98 23.02 11.68 3.94
C PRO H 98 22.94 12.25 2.53
N ASN H 99 21.98 13.14 2.30
CA ASN H 99 21.83 13.83 1.03
C ASN H 99 21.32 15.24 1.27
N ILE H 100 21.92 16.20 0.56
CA ILE H 100 21.55 17.61 0.68
C ILE H 100 21.24 18.13 -0.71
N GLN H 101 20.11 18.83 -0.84
CA GLN H 101 19.76 19.43 -2.12
C GLN H 101 20.81 20.45 -2.54
N SER H 102 21.25 20.34 -3.80
CA SER H 102 22.33 21.19 -4.29
C SER H 102 21.93 22.64 -4.38
N VAL H 103 20.63 22.94 -4.49
CA VAL H 103 20.18 24.32 -4.54
C VAL H 103 20.45 25.04 -3.22
N LEU H 104 20.31 24.36 -2.10
CA LEU H 104 20.53 24.97 -0.79
C LEU H 104 21.99 25.30 -0.53
N LEU H 105 22.91 24.70 -1.28
CA LEU H 105 24.33 24.96 -1.08
C LEU H 105 24.66 26.40 -1.47
N PRO H 106 25.72 26.98 -0.89
CA PRO H 106 26.09 28.35 -1.25
C PRO H 106 26.60 28.46 -2.68
N LYS H 107 26.97 29.68 -3.09
CA LYS H 107 27.42 29.90 -4.46
C LYS H 107 28.68 29.09 -4.77
N CYS H 108 29.66 29.13 -3.87
CA CYS H 108 30.91 28.41 -4.07
C CYS H 108 31.45 27.86 -2.76
N ARG I 1 12.25 -18.61 31.76
CA ARG I 1 12.50 -19.90 32.41
C ARG I 1 11.78 -21.02 31.68
N LYS I 2 10.79 -20.64 30.86
CA LYS I 2 10.02 -21.62 30.10
C LYS I 2 9.58 -21.03 28.77
N THR I 3 8.81 -21.80 28.00
CA THR I 3 8.31 -21.40 26.68
C THR I 3 9.44 -20.84 25.81
N ARG I 4 10.42 -21.69 25.48
CA ARG I 4 11.54 -21.27 24.65
C ARG I 4 11.03 -20.73 23.31
N LYS I 5 11.27 -19.45 23.07
CA LYS I 5 10.81 -18.81 21.84
C LYS I 5 11.63 -19.32 20.66
N GLU I 6 11.21 -18.94 19.45
CA GLU I 6 11.80 -19.44 18.23
C GLU I 6 12.23 -18.26 17.36
N SER I 7 13.42 -18.36 16.77
CA SER I 7 13.97 -17.26 16.01
C SER I 7 15.04 -17.77 15.05
N TYR I 8 15.41 -16.91 14.10
CA TYR I 8 16.41 -17.22 13.07
C TYR I 8 17.80 -16.73 13.46
N ALA I 9 18.11 -16.64 14.75
CA ALA I 9 19.40 -16.09 15.17
C ALA I 9 20.56 -16.96 14.70
N ILE I 10 20.49 -18.27 14.98
CA ILE I 10 21.60 -19.16 14.64
C ILE I 10 21.78 -19.25 13.14
N TYR I 11 20.68 -19.22 12.38
CA TYR I 11 20.78 -19.33 10.92
C TYR I 11 21.43 -18.10 10.31
N VAL I 12 21.04 -16.91 10.77
CA VAL I 12 21.67 -15.70 10.27
C VAL I 12 23.13 -15.64 10.67
N TYR I 13 23.47 -16.09 11.89
CA TYR I 13 24.87 -16.15 12.28
C TYR I 13 25.64 -17.11 11.38
N LYS I 14 25.06 -18.27 11.07
CA LYS I 14 25.73 -19.24 10.21
C LYS I 14 25.93 -18.68 8.81
N VAL I 15 24.95 -17.94 8.30
CA VAL I 15 25.11 -17.30 7.00
C VAL I 15 26.22 -16.26 7.05
N LEU I 16 26.28 -15.48 8.13
CA LEU I 16 27.36 -14.51 8.30
C LEU I 16 28.73 -15.16 8.32
N LYS I 17 28.84 -16.32 8.97
CA LYS I 17 30.14 -16.98 9.05
C LYS I 17 30.64 -17.41 7.68
N GLN I 18 29.76 -17.48 6.69
CA GLN I 18 30.15 -17.86 5.33
C GLN I 18 30.26 -16.68 4.38
N VAL I 19 29.81 -15.49 4.79
CA VAL I 19 29.93 -14.29 3.98
C VAL I 19 31.01 -13.36 4.50
N HIS I 20 30.99 -13.08 5.80
CA HIS I 20 32.02 -12.29 6.48
C HIS I 20 32.46 -13.08 7.70
N PRO I 21 33.39 -14.02 7.54
CA PRO I 21 33.72 -14.93 8.64
C PRO I 21 34.29 -14.23 9.88
N ASP I 22 34.85 -13.04 9.73
CA ASP I 22 35.43 -12.34 10.87
C ASP I 22 34.65 -11.07 11.19
N THR I 23 33.32 -11.14 11.14
CA THR I 23 32.49 -9.98 11.40
C THR I 23 31.39 -10.37 12.38
N GLY I 24 31.16 -9.53 13.39
CA GLY I 24 30.11 -9.76 14.36
C GLY I 24 28.83 -9.06 13.97
N ILE I 25 27.78 -9.35 14.75
CA ILE I 25 26.46 -8.76 14.50
C ILE I 25 25.85 -8.37 15.84
N SER I 26 25.36 -7.14 15.92
CA SER I 26 24.75 -6.63 17.13
C SER I 26 23.40 -7.28 17.38
N SER I 27 22.98 -7.24 18.65
CA SER I 27 21.69 -7.83 19.01
C SER I 27 20.53 -7.09 18.34
N LYS I 28 20.60 -5.76 18.29
CA LYS I 28 19.57 -5.01 17.58
C LYS I 28 19.56 -5.34 16.10
N ALA I 29 20.75 -5.45 15.50
CA ALA I 29 20.83 -5.88 14.11
C ALA I 29 20.29 -7.29 13.93
N MET I 30 20.54 -8.17 14.91
CA MET I 30 19.97 -9.51 14.86
C MET I 30 18.45 -9.47 14.87
N SER I 31 17.86 -8.65 15.74
CA SER I 31 16.41 -8.53 15.77
C SER I 31 15.89 -7.97 14.46
N ILE I 32 16.59 -6.99 13.89
CA ILE I 32 16.15 -6.40 12.62
C ILE I 32 16.17 -7.45 11.52
N MET I 33 17.25 -8.24 11.44
CA MET I 33 17.33 -9.29 10.44
C MET I 33 16.26 -10.36 10.65
N ASN I 34 16.02 -10.76 11.89
CA ASN I 34 14.99 -11.77 12.15
C ASN I 34 13.62 -11.25 11.73
N SER I 35 13.30 -10.01 12.08
CA SER I 35 12.02 -9.43 11.67
C SER I 35 11.92 -9.31 10.16
N PHE I 36 13.01 -8.90 9.50
CA PHE I 36 12.98 -8.74 8.05
C PHE I 36 12.78 -10.08 7.35
N VAL I 37 13.49 -11.11 7.79
CA VAL I 37 13.33 -12.42 7.15
C VAL I 37 11.95 -12.98 7.44
N ASN I 38 11.41 -12.74 8.64
CA ASN I 38 10.04 -13.17 8.92
C ASN I 38 9.03 -12.45 8.04
N ASP I 39 9.21 -11.14 7.84
CA ASP I 39 8.30 -10.38 6.99
C ASP I 39 8.38 -10.86 5.54
N VAL I 40 9.59 -11.08 5.04
CA VAL I 40 9.75 -11.55 3.66
C VAL I 40 9.16 -12.94 3.50
N PHE I 41 9.38 -13.81 4.47
CA PHE I 41 8.80 -15.15 4.43
C PHE I 41 7.29 -15.08 4.42
N GLU I 42 6.71 -14.23 5.27
CA GLU I 42 5.26 -14.09 5.32
C GLU I 42 4.72 -13.56 4.01
N ARG I 43 5.38 -12.55 3.43
CA ARG I 43 4.93 -12.00 2.16
C ARG I 43 4.98 -13.03 1.05
N ILE I 44 6.09 -13.79 0.98
CA ILE I 44 6.24 -14.79 -0.07
C ILE I 44 5.21 -15.90 0.10
N ALA I 45 5.02 -16.38 1.32
CA ALA I 45 4.05 -17.45 1.56
C ALA I 45 2.63 -16.97 1.29
N GLY I 46 2.32 -15.72 1.65
CA GLY I 46 1.01 -15.17 1.34
C GLY I 46 0.78 -15.08 -0.16
N GLU I 47 1.79 -14.63 -0.90
CA GLU I 47 1.66 -14.59 -2.36
C GLU I 47 1.47 -15.99 -2.93
N ALA I 48 2.23 -16.97 -2.42
CA ALA I 48 2.12 -18.33 -2.93
C ALA I 48 0.74 -18.91 -2.66
N SER I 49 0.24 -18.76 -1.43
CA SER I 49 -1.10 -19.24 -1.11
C SER I 49 -2.16 -18.52 -1.91
N ARG I 50 -1.98 -17.20 -2.10
CA ARG I 50 -2.95 -16.42 -2.85
C ARG I 50 -3.02 -16.88 -4.31
N LEU I 51 -1.86 -17.16 -4.92
CA LEU I 51 -1.87 -17.72 -6.27
C LEU I 51 -2.44 -19.13 -6.30
N ALA I 52 -2.17 -19.94 -5.27
CA ALA I 52 -2.72 -21.29 -5.22
C ALA I 52 -4.24 -21.24 -5.19
N HIS I 53 -4.81 -20.35 -4.39
CA HIS I 53 -6.25 -20.12 -4.42
C HIS I 53 -6.69 -19.57 -5.78
N TYR I 54 -5.86 -18.74 -6.40
CA TYR I 54 -6.24 -18.08 -7.65
C TYR I 54 -6.43 -19.10 -8.77
N ASN I 55 -5.46 -20.00 -8.94
CA ASN I 55 -5.57 -21.04 -9.95
C ASN I 55 -6.29 -22.29 -9.45
N LYS I 56 -7.05 -22.16 -8.37
CA LYS I 56 -7.93 -23.22 -7.88
C LYS I 56 -7.14 -24.47 -7.49
N ARG I 57 -5.94 -24.28 -6.98
CA ARG I 57 -5.13 -25.38 -6.48
C ARG I 57 -5.06 -25.32 -4.96
N SER I 58 -4.89 -26.49 -4.34
CA SER I 58 -4.89 -26.60 -2.89
C SER I 58 -3.53 -27.03 -2.31
N THR I 59 -2.48 -27.09 -3.13
CA THR I 59 -1.16 -27.45 -2.65
C THR I 59 -0.16 -26.36 -3.05
N ILE I 60 0.86 -26.18 -2.23
CA ILE I 60 1.94 -25.24 -2.50
C ILE I 60 3.19 -26.05 -2.82
N THR I 61 3.62 -25.97 -4.07
CA THR I 61 4.84 -26.64 -4.50
C THR I 61 5.92 -25.60 -4.80
N SER I 62 7.09 -26.06 -5.24
CA SER I 62 8.18 -25.13 -5.55
C SER I 62 7.80 -24.17 -6.67
N ARG I 63 6.90 -24.59 -7.57
CA ARG I 63 6.49 -23.72 -8.66
C ARG I 63 5.75 -22.49 -8.15
N GLU I 64 4.87 -22.67 -7.16
CA GLU I 64 4.12 -21.54 -6.63
C GLU I 64 5.04 -20.50 -6.02
N ILE I 65 5.97 -20.93 -5.17
CA ILE I 65 6.91 -19.99 -4.57
C ILE I 65 7.85 -19.40 -5.62
N GLN I 66 8.21 -20.18 -6.63
CA GLN I 66 9.04 -19.66 -7.72
C GLN I 66 8.34 -18.50 -8.41
N THR I 67 7.08 -18.69 -8.77
CA THR I 67 6.31 -17.60 -9.38
C THR I 67 6.14 -16.45 -8.42
N ALA I 68 6.03 -16.73 -7.12
CA ALA I 68 5.88 -15.66 -6.14
C ALA I 68 7.13 -14.79 -6.07
N VAL I 69 8.31 -15.41 -5.98
CA VAL I 69 9.54 -14.63 -5.89
C VAL I 69 9.80 -13.90 -7.20
N ARG I 70 9.53 -14.57 -8.33
CA ARG I 70 9.61 -13.88 -9.62
C ARG I 70 8.63 -12.71 -9.66
N LEU I 71 7.56 -12.79 -8.88
CA LEU I 71 6.56 -11.73 -8.81
C LEU I 71 6.94 -10.66 -7.79
N LEU I 72 7.57 -11.05 -6.68
CA LEU I 72 7.87 -10.11 -5.61
C LEU I 72 9.15 -9.31 -5.88
N LEU I 73 10.28 -10.00 -5.97
CA LEU I 73 11.56 -9.31 -6.02
C LEU I 73 11.81 -8.77 -7.42
N PRO I 74 12.12 -7.48 -7.57
CA PRO I 74 12.48 -6.96 -8.90
C PRO I 74 13.97 -7.10 -9.17
N GLY I 75 14.37 -6.89 -10.43
CA GLY I 75 15.79 -6.82 -10.73
C GLY I 75 16.50 -8.15 -10.59
N GLU I 76 17.81 -8.07 -10.35
CA GLU I 76 18.69 -9.24 -10.33
C GLU I 76 18.36 -10.21 -9.20
N LEU I 77 17.76 -9.74 -8.11
CA LEU I 77 17.44 -10.65 -7.02
C LEU I 77 16.46 -11.72 -7.45
N ALA I 78 15.54 -11.37 -8.37
CA ALA I 78 14.57 -12.36 -8.83
C ALA I 78 15.25 -13.54 -9.51
N LYS I 79 16.12 -13.26 -10.50
CA LYS I 79 16.79 -14.33 -11.21
C LYS I 79 17.76 -15.08 -10.30
N HIS I 80 18.50 -14.37 -9.46
CA HIS I 80 19.42 -15.05 -8.56
C HIS I 80 18.67 -15.94 -7.58
N ALA I 81 17.53 -15.48 -7.06
CA ALA I 81 16.76 -16.26 -6.12
C ALA I 81 16.15 -17.48 -6.79
N VAL I 82 15.64 -17.33 -8.02
CA VAL I 82 15.07 -18.51 -8.67
C VAL I 82 16.16 -19.52 -9.00
N SER I 83 17.36 -19.04 -9.37
CA SER I 83 18.47 -19.96 -9.59
C SER I 83 18.85 -20.69 -8.31
N GLU I 84 18.90 -19.97 -7.19
CA GLU I 84 19.23 -20.59 -5.92
C GLU I 84 18.17 -21.63 -5.53
N GLY I 85 16.90 -21.30 -5.72
CA GLY I 85 15.85 -22.25 -5.42
C GLY I 85 15.93 -23.50 -6.28
N THR I 86 16.19 -23.31 -7.58
CA THR I 86 16.32 -24.46 -8.46
C THR I 86 17.49 -25.36 -8.06
N LYS I 87 18.66 -24.76 -7.81
CA LYS I 87 19.79 -25.60 -7.43
C LYS I 87 19.54 -26.30 -6.09
N ALA I 88 18.89 -25.61 -5.16
CA ALA I 88 18.59 -26.23 -3.87
C ALA I 88 17.63 -27.39 -4.01
N VAL I 89 16.56 -27.23 -4.81
CA VAL I 89 15.60 -28.33 -4.95
C VAL I 89 16.22 -29.49 -5.71
N THR I 90 17.04 -29.22 -6.73
CA THR I 90 17.72 -30.32 -7.41
C THR I 90 18.69 -31.04 -6.48
N LYS I 91 19.42 -30.30 -5.65
CA LYS I 91 20.31 -30.94 -4.68
C LYS I 91 19.53 -31.79 -3.68
N TYR I 92 18.40 -31.28 -3.20
CA TYR I 92 17.60 -32.04 -2.24
C TYR I 92 17.04 -33.31 -2.88
N THR I 93 16.54 -33.22 -4.12
CA THR I 93 15.99 -34.39 -4.77
C THR I 93 17.06 -35.39 -5.17
N SER I 94 18.27 -34.93 -5.48
CA SER I 94 19.34 -35.83 -5.90
C SER I 94 19.72 -36.81 -4.80
N ALA I 95 19.83 -36.32 -3.57
CA ALA I 95 20.21 -37.15 -2.42
C ALA I 95 19.06 -37.09 -1.41
N LYS I 96 18.11 -38.01 -1.57
CA LYS I 96 16.95 -38.08 -0.67
C LYS I 96 17.07 -39.29 0.25
#